data_4J7B
#
_entry.id   4J7B
#
_cell.length_a   47.681
_cell.length_b   57.453
_cell.length_c   125.736
_cell.angle_alpha   89.150
_cell.angle_beta   89.840
_cell.angle_gamma   72.380
#
_symmetry.space_group_name_H-M   'P 1'
#
loop_
_entity.id
_entity.type
_entity.pdbx_description
1 polymer 'Polo-like kinase'
2 polymer 'Polo-like kinase'
3 polymer '205 kDa microtubule-associated protein'
4 water water
#
loop_
_entity_poly.entity_id
_entity_poly.type
_entity_poly.pdbx_seq_one_letter_code
_entity_poly.pdbx_strand_id
1 'polypeptide(L)'
;MGPKSAPLKEIPDVLVDPRTMKRYMRGRFLGKGGFAKCYEITDMDTKEVFAGKVVPKSMLLKPHQKEKMSTEIAIHKSLD
NPHVVGFHGFFEDDDFVYVVLEICRRRSLLELHKRRKAVTEPEARYFMRQTIQGVQYLHNNRVIHRNLKLGNLFLNDDMD
VKIGDFGLATKIEFDGFRKKTLCGTPNYIAPEVLCKKGHSFEVDIWSLGCILYTLLVGKPPFETSCLKETYIRIKKNEYS
VPRHINPVASALIRRMLHADPTLRPSVAELLTDEFFTSGYAPMRLPTSCLTVPPRFS
;
A,D
2 'polypeptide(L)'
;MQPDTHLTDMLQQLAVVNAAKPSDRGFIRQEEAEDPACIPVFWISKWVDYSDKYGLGYQLSDNSVGVLFNDSTRLIMCAD
GDSLQYIDRNSLESYLSVRSYPSALSKKITLLKYFRNYMSEHLLKAGANITPREGDELTRLPYLRHWFRTKSAIVLHLSN
GTVQINFFQDHTKLILCPLMGAVTYINEKREFYTYKMTLIEEFGCCKELASRLRYARNMVEKLMACKSSTTAATSAR
;
B,E
3 'polypeptide(L)' MGHHHHHHLDDLVAESPRKEFARINMDGIAVPDEREFDIEADMRPHELEQESDTFGAG C,F
#
# COMPACT_ATOMS: atom_id res chain seq x y z
N PRO A 3 -36.94 42.12 21.59
CA PRO A 3 -35.66 41.92 20.93
C PRO A 3 -35.22 43.19 20.24
N LYS A 4 -33.96 43.22 19.84
CA LYS A 4 -33.21 44.43 19.56
C LYS A 4 -32.10 44.19 18.53
N SER A 5 -32.28 43.25 17.60
CA SER A 5 -31.29 43.01 16.59
C SER A 5 -31.84 42.44 15.31
N ALA A 6 -31.27 42.84 14.17
CA ALA A 6 -31.81 42.38 12.88
C ALA A 6 -31.18 41.03 12.63
N PRO A 7 -31.83 40.15 11.87
CA PRO A 7 -31.18 38.89 11.55
C PRO A 7 -29.92 39.13 10.71
N LEU A 8 -28.85 38.46 11.10
CA LEU A 8 -27.55 38.57 10.38
C LEU A 8 -27.68 38.29 8.89
N LYS A 9 -27.05 39.12 8.08
CA LYS A 9 -26.99 38.83 6.65
C LYS A 9 -25.96 37.74 6.38
N GLU A 10 -26.21 36.95 5.36
CA GLU A 10 -25.27 35.92 4.98
C GLU A 10 -24.18 36.50 4.06
N ILE A 11 -22.97 36.01 4.29
CA ILE A 11 -21.79 36.45 3.56
C ILE A 11 -21.75 35.71 2.23
N PRO A 12 -21.61 36.45 1.11
CA PRO A 12 -21.45 35.84 -0.21
C PRO A 12 -20.28 34.81 -0.26
N ASP A 13 -20.46 33.78 -1.06
CA ASP A 13 -19.44 32.81 -1.37
C ASP A 13 -18.31 33.40 -2.21
N VAL A 14 -18.62 34.39 -3.05
CA VAL A 14 -17.60 35.08 -3.84
C VAL A 14 -17.66 36.57 -3.56
N LEU A 15 -16.55 37.15 -3.16
CA LEU A 15 -16.53 38.57 -2.84
C LEU A 15 -16.02 39.34 -4.07
N VAL A 16 -16.84 40.28 -4.57
CA VAL A 16 -16.46 41.06 -5.76
C VAL A 16 -16.17 42.52 -5.39
N ASP A 17 -15.01 43.01 -5.83
CA ASP A 17 -14.67 44.44 -5.71
C ASP A 17 -14.96 45.10 -7.05
N PRO A 18 -16.10 45.81 -7.14
CA PRO A 18 -16.53 46.37 -8.43
C PRO A 18 -15.51 47.38 -8.97
N ARG A 19 -14.91 48.14 -8.07
CA ARG A 19 -13.86 49.12 -8.40
C ARG A 19 -12.68 48.50 -9.17
N THR A 20 -12.31 47.25 -8.84
CA THR A 20 -11.20 46.58 -9.52
C THR A 20 -11.61 45.28 -10.21
N MET A 21 -12.88 44.90 -10.10
CA MET A 21 -13.43 43.74 -10.78
C MET A 21 -12.73 42.44 -10.37
N LYS A 22 -12.15 42.42 -9.17
CA LYS A 22 -11.46 41.22 -8.65
C LYS A 22 -12.45 40.33 -7.91
N ARG A 23 -12.25 39.02 -8.02
CA ARG A 23 -13.11 38.03 -7.41
C ARG A 23 -12.34 37.17 -6.42
N TYR A 24 -12.80 37.20 -5.17
CA TYR A 24 -12.17 36.42 -4.12
C TYR A 24 -13.09 35.30 -3.65
N MET A 25 -12.67 34.07 -3.85
CA MET A 25 -13.44 32.93 -3.38
C MET A 25 -13.22 32.82 -1.87
N ARG A 26 -14.32 32.86 -1.13
CA ARG A 26 -14.27 32.75 0.30
C ARG A 26 -14.01 31.33 0.72
N GLY A 27 -12.91 31.11 1.40
CA GLY A 27 -12.57 29.78 1.86
C GLY A 27 -12.87 29.60 3.34
N ARG A 28 -11.93 28.95 4.03
CA ARG A 28 -12.20 28.53 5.41
C ARG A 28 -12.19 29.70 6.43
N PHE A 29 -13.00 29.49 7.45
CA PHE A 29 -13.05 30.36 8.64
C PHE A 29 -11.70 30.41 9.34
N LEU A 30 -11.21 31.61 9.57
CA LEU A 30 -9.96 31.87 10.22
C LEU A 30 -10.14 32.34 11.64
N GLY A 31 -11.35 32.75 12.00
CA GLY A 31 -11.66 33.28 13.30
C GLY A 31 -12.44 34.59 13.32
N LYS A 32 -12.93 34.99 14.47
CA LYS A 32 -13.70 36.21 14.55
C LYS A 32 -13.11 37.14 15.54
N GLY A 33 -12.82 38.33 15.08
CA GLY A 33 -12.20 39.31 15.92
C GLY A 33 -12.99 40.57 16.03
N GLY A 34 -13.46 40.81 17.24
CA GLY A 34 -14.54 41.74 17.52
C GLY A 34 -15.80 41.22 16.85
N PHE A 35 -16.57 42.13 16.24
CA PHE A 35 -17.72 41.71 15.42
C PHE A 35 -17.40 41.27 13.95
N ALA A 36 -16.19 41.51 13.47
CA ALA A 36 -15.77 40.97 12.17
C ALA A 36 -15.53 39.45 12.18
N LYS A 37 -15.83 38.76 11.09
CA LYS A 37 -15.32 37.40 10.90
C LYS A 37 -14.31 37.34 9.76
N CYS A 38 -13.23 36.62 9.99
CA CYS A 38 -12.19 36.46 9.01
C CYS A 38 -12.22 35.11 8.28
N TYR A 39 -11.93 35.17 6.99
CA TYR A 39 -11.90 34.00 6.13
C TYR A 39 -10.65 34.00 5.27
N GLU A 40 -10.21 32.82 4.92
CA GLU A 40 -9.16 32.66 3.87
C GLU A 40 -9.86 32.97 2.57
N ILE A 41 -9.36 33.97 1.87
CA ILE A 41 -9.93 34.28 0.57
C ILE A 41 -8.91 34.12 -0.57
N THR A 42 -9.38 33.62 -1.70
CA THR A 42 -8.48 33.39 -2.84
C THR A 42 -8.85 34.21 -4.06
N ASP A 43 -7.91 35.03 -4.53
CA ASP A 43 -8.12 35.85 -5.73
C ASP A 43 -8.21 34.96 -6.93
N MET A 44 -9.38 34.88 -7.53
CA MET A 44 -9.67 33.82 -8.48
C MET A 44 -9.01 34.03 -9.84
N ASP A 45 -8.43 35.20 -10.07
CA ASP A 45 -7.66 35.36 -11.31
C ASP A 45 -6.19 35.02 -11.08
N THR A 46 -5.65 35.40 -9.91
CA THR A 46 -4.23 35.26 -9.63
C THR A 46 -3.95 34.12 -8.67
N LYS A 47 -5.00 33.62 -8.03
CA LYS A 47 -4.91 32.57 -7.02
C LYS A 47 -4.06 32.94 -5.79
N GLU A 48 -3.70 34.21 -5.64
CA GLU A 48 -3.12 34.68 -4.39
C GLU A 48 -4.13 34.49 -3.25
N VAL A 49 -3.65 34.11 -2.08
CA VAL A 49 -4.45 33.89 -0.92
C VAL A 49 -4.24 35.00 0.10
N PHE A 50 -5.34 35.50 0.68
CA PHE A 50 -5.33 36.56 1.68
C PHE A 50 -6.26 36.25 2.85
N ALA A 51 -6.23 37.09 3.86
CA ALA A 51 -7.17 37.01 4.96
C ALA A 51 -8.24 38.09 4.73
N GLY A 52 -9.49 37.68 4.63
CA GLY A 52 -10.57 38.62 4.41
C GLY A 52 -11.31 38.87 5.70
N LYS A 53 -11.19 40.08 6.20
CA LYS A 53 -12.00 40.53 7.32
C LYS A 53 -13.36 41.02 6.82
N VAL A 54 -14.43 40.40 7.33
CA VAL A 54 -15.80 40.70 6.92
C VAL A 54 -16.54 41.35 8.08
N VAL A 55 -16.93 42.61 7.85
CA VAL A 55 -17.63 43.37 8.86
C VAL A 55 -19.04 43.67 8.36
N PRO A 56 -20.06 43.18 9.09
CA PRO A 56 -21.44 43.48 8.77
C PRO A 56 -21.78 44.94 8.99
N LYS A 57 -22.40 45.57 8.00
CA LYS A 57 -22.88 46.94 8.16
C LYS A 57 -23.86 47.10 9.31
N SER A 58 -24.60 46.04 9.63
CA SER A 58 -25.59 46.14 10.70
C SER A 58 -24.89 46.58 11.97
N MET A 59 -23.59 46.32 12.05
CA MET A 59 -22.81 46.65 13.24
C MET A 59 -22.05 47.96 13.07
N LEU A 60 -22.29 48.62 11.94
CA LEU A 60 -21.69 49.92 11.67
C LEU A 60 -22.74 51.03 11.62
N LEU A 61 -23.84 50.91 12.36
CA LEU A 61 -24.89 51.90 12.14
C LEU A 61 -24.64 53.34 12.67
N LYS A 62 -24.20 53.51 13.91
CA LYS A 62 -24.02 54.88 14.41
C LYS A 62 -22.76 55.42 13.77
N PRO A 63 -22.80 56.71 13.46
CA PRO A 63 -21.71 57.49 12.95
C PRO A 63 -20.43 57.28 13.74
N HIS A 64 -20.51 56.99 15.02
CA HIS A 64 -19.30 56.76 15.78
C HIS A 64 -18.64 55.44 15.33
N GLN A 65 -19.47 54.43 15.07
CA GLN A 65 -18.93 53.15 14.65
C GLN A 65 -18.36 53.24 13.23
N LYS A 66 -19.06 53.90 12.33
CA LYS A 66 -18.52 54.13 10.98
C LYS A 66 -17.23 54.95 11.02
N GLU A 67 -17.21 55.94 11.91
CA GLU A 67 -16.05 56.79 12.16
C GLU A 67 -14.83 55.95 12.54
N LYS A 68 -15.06 55.04 13.48
CA LYS A 68 -14.06 54.12 13.98
C LYS A 68 -13.48 53.23 12.84
N MET A 69 -14.36 52.56 12.11
CA MET A 69 -13.98 51.65 11.03
C MET A 69 -13.15 52.36 9.98
N SER A 70 -13.57 53.56 9.65
CA SER A 70 -12.94 54.35 8.61
C SER A 70 -11.56 54.82 9.05
N THR A 71 -11.38 55.02 10.35
CA THR A 71 -10.10 55.44 10.91
C THR A 71 -9.13 54.25 10.91
N GLU A 72 -9.56 53.11 11.45
CA GLU A 72 -8.78 51.86 11.38
C GLU A 72 -8.27 51.61 9.94
N ILE A 73 -9.17 51.78 8.98
CA ILE A 73 -8.86 51.52 7.60
C ILE A 73 -7.89 52.54 6.99
N ALA A 74 -8.14 53.82 7.21
CA ALA A 74 -7.28 54.89 6.65
C ALA A 74 -5.84 54.70 7.17
N ILE A 75 -5.72 54.53 8.49
CA ILE A 75 -4.41 54.30 9.11
C ILE A 75 -3.71 53.06 8.54
N HIS A 76 -4.40 51.95 8.52
CA HIS A 76 -3.82 50.70 8.10
C HIS A 76 -3.42 50.72 6.62
N LYS A 77 -4.22 51.32 5.74
CA LYS A 77 -3.86 51.36 4.33
C LYS A 77 -2.67 52.27 4.08
N SER A 78 -2.43 53.23 4.97
CA SER A 78 -1.28 54.11 4.86
C SER A 78 0.02 53.39 5.29
N LEU A 79 -0.04 52.10 5.60
CA LEU A 79 1.11 51.36 6.12
C LEU A 79 1.68 50.37 5.12
N ASP A 80 3.00 50.30 5.13
CA ASP A 80 3.73 49.34 4.30
C ASP A 80 5.11 49.07 4.92
N ASN A 81 5.19 47.93 5.63
CA ASN A 81 6.39 47.55 6.40
C ASN A 81 6.41 46.03 6.58
N PRO A 82 7.58 45.42 6.46
CA PRO A 82 7.69 43.96 6.67
C PRO A 82 7.21 43.46 8.03
N HIS A 83 7.11 44.31 9.03
CA HIS A 83 6.66 43.83 10.34
C HIS A 83 5.29 44.33 10.80
N VAL A 84 4.52 44.81 9.81
CA VAL A 84 3.13 45.18 9.96
C VAL A 84 2.33 44.40 8.94
N VAL A 85 1.19 43.88 9.36
CA VAL A 85 0.28 43.15 8.47
C VAL A 85 -0.05 43.98 7.26
N GLY A 86 0.15 43.38 6.10
CA GLY A 86 -0.06 44.07 4.89
C GLY A 86 -1.50 44.32 4.58
N PHE A 87 -1.80 45.56 4.19
CA PHE A 87 -3.12 45.97 3.74
C PHE A 87 -3.14 45.87 2.22
N HIS A 88 -4.06 45.07 1.70
CA HIS A 88 -4.15 44.83 0.27
C HIS A 88 -5.42 45.35 -0.32
N GLY A 89 -6.16 46.16 0.44
CA GLY A 89 -7.35 46.80 -0.08
C GLY A 89 -8.64 46.56 0.69
N PHE A 90 -9.63 47.39 0.39
CA PHE A 90 -10.94 47.30 1.01
C PHE A 90 -12.04 47.71 0.06
N PHE A 91 -13.20 47.11 0.27
CA PHE A 91 -14.34 47.40 -0.58
C PHE A 91 -15.63 46.97 0.12
N GLU A 92 -16.77 47.25 -0.50
CA GLU A 92 -18.06 47.05 0.19
C GLU A 92 -19.24 46.85 -0.72
N ASP A 93 -20.23 46.09 -0.23
CA ASP A 93 -21.54 45.96 -0.85
C ASP A 93 -22.54 46.60 0.11
N ASP A 94 -23.82 46.25 -0.01
CA ASP A 94 -24.85 46.88 0.84
C ASP A 94 -24.75 46.40 2.28
N ASP A 95 -24.25 45.18 2.45
CA ASP A 95 -24.32 44.50 3.73
C ASP A 95 -22.99 44.39 4.48
N PHE A 96 -21.86 44.57 3.78
CA PHE A 96 -20.56 44.32 4.38
C PHE A 96 -19.45 45.30 3.93
N VAL A 97 -18.48 45.46 4.82
CA VAL A 97 -17.19 46.02 4.47
C VAL A 97 -16.17 44.87 4.49
N TYR A 98 -15.56 44.62 3.33
CA TYR A 98 -14.59 43.56 3.16
C TYR A 98 -13.16 44.13 3.15
N VAL A 99 -12.28 43.61 4.02
CA VAL A 99 -10.90 44.09 4.11
C VAL A 99 -9.90 42.99 3.80
N VAL A 100 -8.96 43.30 2.88
CA VAL A 100 -8.06 42.30 2.36
C VAL A 100 -6.71 42.46 2.99
N LEU A 101 -6.31 41.43 3.73
CA LEU A 101 -5.13 41.48 4.54
C LEU A 101 -4.15 40.35 4.20
N GLU A 102 -2.88 40.57 4.45
CA GLU A 102 -1.85 39.55 4.36
C GLU A 102 -2.18 38.43 5.34
N ILE A 103 -2.21 37.20 4.85
CA ILE A 103 -2.57 36.09 5.71
C ILE A 103 -1.36 35.70 6.59
N CYS A 104 -1.63 35.31 7.81
CA CYS A 104 -0.63 34.88 8.75
C CYS A 104 -1.01 33.56 9.25
N ARG A 105 -0.58 32.51 8.53
CA ARG A 105 -1.16 31.20 8.79
C ARG A 105 -0.71 30.57 10.09
N ARG A 106 0.30 31.10 10.72
CA ARG A 106 0.82 30.53 11.93
C ARG A 106 0.24 31.20 13.18
N ARG A 107 -0.84 31.93 13.00
CA ARG A 107 -1.57 32.60 14.05
C ARG A 107 -0.80 33.65 14.76
N SER A 108 -0.78 33.59 16.06
CA SER A 108 -0.32 34.70 16.87
C SER A 108 0.62 34.30 18.00
N LEU A 109 1.27 35.26 18.56
CA LEU A 109 2.12 35.03 19.68
C LEU A 109 1.32 34.68 20.90
N LEU A 110 0.00 34.88 20.93
CA LEU A 110 -0.75 34.37 22.03
C LEU A 110 -0.84 32.83 22.08
N GLU A 111 -1.09 32.25 20.93
CA GLU A 111 -1.16 30.83 20.82
C GLU A 111 0.20 30.22 21.17
N LEU A 112 1.26 30.88 20.75
CA LEU A 112 2.60 30.46 21.08
C LEU A 112 2.83 30.51 22.56
N HIS A 113 2.35 31.59 23.17
CA HIS A 113 2.41 31.76 24.65
C HIS A 113 1.67 30.66 25.35
N LYS A 114 0.52 30.30 24.84
CA LYS A 114 -0.23 29.23 25.51
C LYS A 114 0.42 27.86 25.44
N ARG A 115 1.12 27.60 24.35
CA ARG A 115 1.80 26.30 24.22
C ARG A 115 3.16 26.25 24.96
N ARG A 116 3.88 27.36 24.93
CA ARG A 116 5.29 27.37 25.32
C ARG A 116 5.41 27.90 26.73
N LYS A 117 4.45 28.74 27.14
CA LYS A 117 4.64 29.62 28.30
C LYS A 117 5.96 30.41 28.11
N ALA A 118 6.86 30.38 29.10
CA ALA A 118 8.07 31.16 29.00
C ALA A 118 8.93 30.60 27.86
N VAL A 119 9.43 31.50 27.03
CA VAL A 119 10.26 31.15 25.93
C VAL A 119 11.67 31.40 26.38
N THR A 120 12.63 30.93 25.56
CA THR A 120 14.04 31.10 25.87
C THR A 120 14.40 32.53 25.59
N GLU A 121 15.42 32.99 26.25
CA GLU A 121 15.82 34.36 26.09
C GLU A 121 16.16 34.74 24.62
N PRO A 122 16.88 33.89 23.85
CA PRO A 122 17.10 34.19 22.44
C PRO A 122 15.86 34.37 21.63
N GLU A 123 14.84 33.56 21.89
CA GLU A 123 13.55 33.66 21.22
C GLU A 123 12.87 34.95 21.53
N ALA A 124 12.96 35.34 22.78
CA ALA A 124 12.43 36.63 23.24
C ALA A 124 13.10 37.74 22.51
N ARG A 125 14.42 37.66 22.38
CA ARG A 125 15.16 38.66 21.60
C ARG A 125 14.59 38.76 20.21
N TYR A 126 14.36 37.63 19.55
CA TYR A 126 13.93 37.60 18.18
C TYR A 126 12.54 38.22 18.01
N PHE A 127 11.59 37.72 18.74
CA PHE A 127 10.26 38.28 18.65
C PHE A 127 10.22 39.77 19.01
N MET A 128 10.88 40.15 20.11
CA MET A 128 10.84 41.56 20.51
C MET A 128 11.53 42.44 19.49
N ARG A 129 12.65 42.00 18.89
CA ARG A 129 13.34 42.83 17.92
C ARG A 129 12.40 43.12 16.74
N GLN A 130 11.78 42.08 16.23
CA GLN A 130 10.93 42.24 15.08
C GLN A 130 9.73 43.14 15.36
N THR A 131 9.08 42.89 16.49
CA THR A 131 7.99 43.71 16.96
C THR A 131 8.42 45.18 17.13
N ILE A 132 9.52 45.41 17.80
CA ILE A 132 10.03 46.76 17.96
C ILE A 132 10.34 47.44 16.63
N GLN A 133 10.85 46.74 15.62
CA GLN A 133 11.15 47.38 14.32
C GLN A 133 9.83 47.80 13.77
N GLY A 134 8.82 46.97 13.89
CA GLY A 134 7.42 47.38 13.60
C GLY A 134 6.94 48.64 14.29
N VAL A 135 7.17 48.70 15.58
CA VAL A 135 6.71 49.85 16.32
C VAL A 135 7.50 51.10 15.95
N GLN A 136 8.78 50.91 15.67
CA GLN A 136 9.62 51.99 15.16
C GLN A 136 9.02 52.60 13.90
N TYR A 137 8.63 51.74 12.96
CA TYR A 137 8.02 52.21 11.73
C TYR A 137 6.78 52.98 12.04
N LEU A 138 5.90 52.44 12.91
CA LEU A 138 4.63 53.09 13.19
C LEU A 138 4.80 54.44 13.81
N HIS A 139 5.72 54.53 14.77
CA HIS A 139 5.98 55.79 15.45
C HIS A 139 6.66 56.82 14.55
N ASN A 140 7.56 56.37 13.70
CA ASN A 140 8.09 57.21 12.62
C ASN A 140 7.05 57.75 11.66
N ASN A 141 5.90 57.10 11.59
CA ASN A 141 4.76 57.58 10.83
C ASN A 141 3.68 58.15 11.71
N ARG A 142 4.04 58.45 12.96
CA ARG A 142 3.16 59.16 13.87
C ARG A 142 1.93 58.38 14.24
N VAL A 143 2.02 57.07 14.15
CA VAL A 143 0.89 56.23 14.50
C VAL A 143 1.13 55.62 15.86
N ILE A 144 0.16 55.80 16.76
CA ILE A 144 0.18 55.05 18.02
C ILE A 144 -0.78 53.88 17.93
N HIS A 145 -0.29 52.68 18.14
CA HIS A 145 -1.11 51.47 18.02
C HIS A 145 -2.14 51.37 19.13
N ARG A 146 -1.67 51.46 20.37
CA ARG A 146 -2.54 51.55 21.58
C ARG A 146 -3.17 50.26 22.06
N ASN A 147 -3.04 49.19 21.28
CA ASN A 147 -3.50 47.86 21.70
C ASN A 147 -2.51 46.73 21.43
N LEU A 148 -1.22 46.99 21.64
CA LEU A 148 -0.23 45.94 21.43
C LEU A 148 -0.41 44.86 22.47
N LYS A 149 -0.54 43.62 21.99
CA LYS A 149 -0.63 42.45 22.84
C LYS A 149 -0.21 41.20 22.03
N LEU A 150 -0.02 40.12 22.75
CA LEU A 150 0.33 38.84 22.17
C LEU A 150 -0.55 38.53 20.98
N GLY A 151 -1.82 38.77 21.13
CA GLY A 151 -2.80 38.37 20.21
C GLY A 151 -2.80 39.13 18.91
N ASN A 152 -2.19 40.29 18.79
CA ASN A 152 -2.11 40.96 17.51
C ASN A 152 -0.68 41.07 16.99
N LEU A 153 0.18 40.23 17.56
CA LEU A 153 1.50 39.97 16.97
C LEU A 153 1.41 38.65 16.18
N PHE A 154 1.11 38.82 14.92
CA PHE A 154 0.87 37.68 14.03
C PHE A 154 2.14 37.05 13.46
N LEU A 155 2.05 35.78 13.19
CA LEU A 155 3.14 35.05 12.63
C LEU A 155 2.83 34.45 11.28
N ASN A 156 3.73 34.69 10.33
CA ASN A 156 3.58 34.06 9.04
C ASN A 156 4.30 32.75 8.93
N ASP A 157 4.25 32.13 7.76
CA ASP A 157 4.81 30.79 7.63
C ASP A 157 6.33 30.73 7.76
N ASP A 158 7.01 31.87 7.67
CA ASP A 158 8.44 32.00 7.98
C ASP A 158 8.72 32.51 9.38
N MET A 159 7.66 32.63 10.18
CA MET A 159 7.79 33.07 11.58
C MET A 159 8.28 34.49 11.68
N ASP A 160 7.99 35.33 10.70
CA ASP A 160 8.15 36.75 10.82
C ASP A 160 6.96 37.34 11.57
N VAL A 161 7.20 38.33 12.42
CA VAL A 161 6.10 38.93 13.16
C VAL A 161 5.37 40.03 12.38
N LYS A 162 4.05 39.98 12.36
CA LYS A 162 3.31 41.06 11.74
C LYS A 162 2.39 41.66 12.74
N ILE A 163 2.52 42.95 13.00
CA ILE A 163 1.64 43.66 13.91
C ILE A 163 0.37 43.99 13.20
N GLY A 164 -0.74 43.60 13.75
CA GLY A 164 -2.06 43.88 13.13
C GLY A 164 -3.00 44.54 14.11
N ASP A 165 -4.29 44.58 13.74
CA ASP A 165 -5.37 45.06 14.63
C ASP A 165 -5.18 46.53 14.97
N PHE A 166 -5.44 47.42 14.02
CA PHE A 166 -5.24 48.84 14.23
C PHE A 166 -6.51 49.51 14.68
N GLY A 167 -7.40 48.74 15.27
CA GLY A 167 -8.72 49.21 15.75
C GLY A 167 -8.69 50.32 16.76
N LEU A 168 -7.67 50.36 17.59
CA LEU A 168 -7.52 51.48 18.51
C LEU A 168 -6.46 52.45 18.13
N ALA A 169 -5.94 52.34 16.91
CA ALA A 169 -4.79 53.15 16.54
C ALA A 169 -5.22 54.59 16.27
N THR A 170 -4.30 55.52 16.47
CA THR A 170 -4.53 56.89 16.02
C THR A 170 -3.25 57.43 15.39
N LYS A 171 -3.41 58.39 14.49
CA LYS A 171 -2.28 59.05 13.86
C LYS A 171 -2.21 60.43 14.46
N ILE A 172 -1.02 60.84 14.90
CA ILE A 172 -0.79 62.18 15.42
C ILE A 172 -0.03 63.00 14.36
N CYS A 183 -11.89 56.06 23.00
CA CYS A 183 -11.35 54.79 22.55
C CYS A 183 -12.10 53.62 23.18
N GLY A 184 -11.81 52.43 22.67
CA GLY A 184 -12.13 51.20 23.37
C GLY A 184 -11.05 50.87 24.42
N THR A 185 -11.08 49.62 24.88
CA THR A 185 -10.29 49.24 26.04
C THR A 185 -9.08 48.39 25.63
N PRO A 186 -7.88 48.93 25.81
CA PRO A 186 -6.67 48.15 25.47
C PRO A 186 -6.42 46.95 26.38
N ASN A 187 -5.76 45.95 25.86
CA ASN A 187 -5.37 44.78 26.65
C ASN A 187 -4.51 45.14 27.89
N TYR A 188 -3.32 45.68 27.65
CA TYR A 188 -2.43 46.22 28.68
C TYR A 188 -2.60 47.73 28.74
N ILE A 189 -3.26 48.28 29.78
CA ILE A 189 -3.43 49.73 29.85
C ILE A 189 -2.27 50.39 30.59
N ALA A 190 -1.70 51.47 30.06
CA ALA A 190 -0.63 52.21 30.74
C ALA A 190 -1.23 53.02 31.89
N PRO A 191 -0.42 53.28 32.92
CA PRO A 191 -0.90 54.02 34.08
C PRO A 191 -1.41 55.42 33.72
N GLU A 192 -0.76 56.07 32.76
CA GLU A 192 -1.14 57.44 32.39
C GLU A 192 -2.54 57.50 31.81
N VAL A 193 -2.90 56.45 31.10
CA VAL A 193 -4.24 56.37 30.54
C VAL A 193 -5.26 56.25 31.65
N LEU A 194 -4.99 55.32 32.57
CA LEU A 194 -5.84 55.11 33.74
C LEU A 194 -5.96 56.37 34.59
N CYS A 195 -4.83 57.02 34.91
CA CYS A 195 -4.83 58.31 35.65
C CYS A 195 -5.46 59.42 34.83
N LYS A 196 -5.69 59.17 33.54
CA LYS A 196 -6.27 60.16 32.63
C LYS A 196 -5.42 61.44 32.55
N LYS A 197 -4.10 61.22 32.43
CA LYS A 197 -3.14 62.29 32.17
C LYS A 197 -3.02 62.49 30.66
N GLY A 198 -3.91 61.86 29.89
CA GLY A 198 -3.75 61.81 28.46
C GLY A 198 -2.54 60.93 28.20
N HIS A 199 -2.14 60.79 26.95
CA HIS A 199 -1.11 59.84 26.70
C HIS A 199 -0.55 59.98 25.32
N SER A 200 0.60 59.35 25.09
CA SER A 200 1.29 59.48 23.82
C SER A 200 1.99 58.18 23.45
N PHE A 201 3.04 58.27 22.64
CA PHE A 201 3.62 57.09 22.07
C PHE A 201 4.11 56.16 23.17
N GLU A 202 4.45 56.74 24.31
CA GLU A 202 5.02 55.96 25.40
C GLU A 202 4.10 54.82 25.84
N VAL A 203 2.81 54.96 25.59
CA VAL A 203 1.83 53.91 25.78
C VAL A 203 2.23 52.56 25.09
N ASP A 204 2.57 52.63 23.81
CA ASP A 204 3.07 51.43 23.12
C ASP A 204 4.29 50.79 23.80
N ILE A 205 5.18 51.64 24.28
CA ILE A 205 6.38 51.21 24.97
C ILE A 205 5.99 50.38 26.19
N TRP A 206 5.00 50.87 26.94
CA TRP A 206 4.49 50.17 28.12
C TRP A 206 4.02 48.76 27.73
N SER A 207 3.24 48.67 26.67
CA SER A 207 2.73 47.39 26.29
C SER A 207 3.87 46.44 25.92
N LEU A 208 4.88 46.95 25.26
CA LEU A 208 6.02 46.08 24.86
C LEU A 208 6.69 45.54 26.08
N GLY A 209 6.72 46.37 27.12
CA GLY A 209 7.23 45.99 28.42
C GLY A 209 6.48 44.83 28.97
N CYS A 210 5.14 44.88 28.86
CA CYS A 210 4.27 43.82 29.38
C CYS A 210 4.45 42.53 28.55
N ILE A 211 4.68 42.73 27.27
CA ILE A 211 4.91 41.58 26.36
C ILE A 211 6.26 40.88 26.61
N LEU A 212 7.29 41.65 26.80
CA LEU A 212 8.58 41.09 27.12
C LEU A 212 8.56 40.34 28.43
N TYR A 213 7.89 40.91 29.46
CA TYR A 213 7.79 40.28 30.76
C TYR A 213 7.13 38.94 30.56
N THR A 214 6.02 38.98 29.82
CA THR A 214 5.24 37.80 29.59
C THR A 214 6.02 36.70 28.81
N LEU A 215 6.73 37.12 27.81
CA LEU A 215 7.52 36.13 27.03
C LEU A 215 8.60 35.47 27.92
N LEU A 216 9.24 36.21 28.80
CA LEU A 216 10.29 35.63 29.66
C LEU A 216 9.80 34.98 30.94
N VAL A 217 8.72 35.49 31.55
CA VAL A 217 8.27 34.96 32.81
C VAL A 217 7.30 33.83 32.60
N GLY A 218 6.48 33.95 31.57
CA GLY A 218 5.45 32.94 31.30
C GLY A 218 4.05 33.36 31.76
N LYS A 219 3.96 34.49 32.44
CA LYS A 219 2.69 35.07 32.79
C LYS A 219 2.75 36.57 32.76
N PRO A 220 1.59 37.23 32.69
CA PRO A 220 1.55 38.67 32.67
C PRO A 220 1.98 39.33 33.98
N PRO A 221 2.58 40.50 33.87
CA PRO A 221 3.10 41.22 35.02
C PRO A 221 2.05 41.75 36.02
N PHE A 222 0.84 42.10 35.56
CA PHE A 222 -0.12 42.72 36.45
C PHE A 222 -1.42 41.95 36.59
N GLU A 223 -1.85 41.38 35.48
CA GLU A 223 -3.20 40.84 35.39
C GLU A 223 -3.40 39.73 36.41
N THR A 224 -4.49 39.82 37.15
CA THR A 224 -4.85 38.81 38.12
C THR A 224 -6.32 38.44 37.92
N SER A 225 -6.84 37.64 38.85
CA SER A 225 -8.25 37.18 38.84
C SER A 225 -9.23 38.33 38.76
N CYS A 226 -9.02 39.34 39.61
CA CYS A 226 -9.88 40.50 39.67
C CYS A 226 -9.30 41.72 38.93
N LEU A 227 -10.15 42.30 38.09
CA LEU A 227 -9.81 43.46 37.28
C LEU A 227 -9.34 44.67 38.11
N LYS A 228 -9.99 44.92 39.24
CA LYS A 228 -9.70 46.14 40.02
C LYS A 228 -8.35 46.10 40.72
N GLU A 229 -7.93 44.93 41.17
CA GLU A 229 -6.56 44.77 41.67
C GLU A 229 -5.51 45.00 40.52
N THR A 230 -5.77 44.49 39.31
CA THR A 230 -4.92 44.79 38.15
C THR A 230 -4.68 46.29 38.02
N TYR A 231 -5.77 47.05 38.05
CA TYR A 231 -5.74 48.51 37.90
C TYR A 231 -4.87 49.15 38.97
N ILE A 232 -5.03 48.66 40.18
CA ILE A 232 -4.31 49.23 41.31
C ILE A 232 -2.82 48.98 41.13
N ARG A 233 -2.48 47.73 40.95
CA ARG A 233 -1.10 47.34 40.63
C ARG A 233 -0.49 48.23 39.50
N ILE A 234 -1.25 48.48 38.45
CA ILE A 234 -0.78 49.33 37.35
C ILE A 234 -0.52 50.79 37.79
N LYS A 235 -1.48 51.40 38.48
CA LYS A 235 -1.31 52.77 39.01
C LYS A 235 -0.09 52.87 39.94
N LYS A 236 -0.03 51.93 40.87
CA LYS A 236 1.03 51.91 41.87
C LYS A 236 2.34 51.40 41.30
N ASN A 237 2.32 50.90 40.05
CA ASN A 237 3.53 50.38 39.40
C ASN A 237 3.99 49.13 40.18
N GLU A 238 3.02 48.33 40.62
CA GLU A 238 3.29 47.17 41.48
C GLU A 238 3.33 45.90 40.67
N TYR A 239 4.54 45.39 40.51
CA TYR A 239 4.79 44.14 39.81
C TYR A 239 6.15 43.71 40.31
N SER A 240 6.51 42.45 40.09
CA SER A 240 7.86 41.98 40.45
C SER A 240 8.40 41.06 39.39
N VAL A 241 9.64 41.30 38.99
CA VAL A 241 10.38 40.45 38.09
C VAL A 241 11.08 39.31 38.87
N PRO A 242 10.65 38.06 38.65
CA PRO A 242 11.20 36.88 39.34
C PRO A 242 12.73 36.75 39.27
N ARG A 243 13.32 36.15 40.29
CA ARG A 243 14.78 36.17 40.49
C ARG A 243 15.55 35.46 39.36
N HIS A 244 14.90 34.52 38.70
CA HIS A 244 15.57 33.69 37.74
C HIS A 244 15.67 34.42 36.37
N ILE A 245 15.11 35.61 36.29
CA ILE A 245 15.29 36.37 35.09
C ILE A 245 16.59 37.07 35.23
N ASN A 246 17.37 37.14 34.18
CA ASN A 246 18.58 37.87 34.38
C ASN A 246 18.49 39.37 34.25
N PRO A 247 19.17 40.00 35.16
CA PRO A 247 19.38 41.38 35.44
C PRO A 247 19.27 42.30 34.25
N VAL A 248 19.91 41.90 33.15
CA VAL A 248 19.95 42.71 31.95
C VAL A 248 18.55 42.84 31.39
N ALA A 249 17.85 41.72 31.32
CA ALA A 249 16.46 41.69 30.82
C ALA A 249 15.55 42.33 31.84
N SER A 250 15.80 42.05 33.11
CA SER A 250 15.04 42.59 34.19
C SER A 250 15.12 44.12 34.19
N ALA A 251 16.32 44.66 33.96
CA ALA A 251 16.48 46.12 33.92
C ALA A 251 15.75 46.72 32.71
N LEU A 252 15.81 46.03 31.59
CA LEU A 252 15.06 46.48 30.42
C LEU A 252 13.55 46.52 30.70
N ILE A 253 13.03 45.51 31.37
CA ILE A 253 11.63 45.44 31.70
C ILE A 253 11.24 46.61 32.60
N ARG A 254 12.08 46.90 33.58
CA ARG A 254 11.81 47.99 34.52
C ARG A 254 11.78 49.32 33.81
N ARG A 255 12.71 49.56 32.90
CA ARG A 255 12.71 50.76 32.08
C ARG A 255 11.44 50.91 31.25
N MET A 256 11.07 49.83 30.58
CA MET A 256 9.90 49.83 29.74
C MET A 256 8.62 50.06 30.53
N LEU A 257 8.58 49.54 31.76
CA LEU A 257 7.41 49.56 32.63
C LEU A 257 7.43 50.67 33.67
N HIS A 258 8.14 51.75 33.37
CA HIS A 258 8.29 52.80 34.34
C HIS A 258 6.98 53.58 34.52
N ALA A 259 6.65 53.87 35.77
CA ALA A 259 5.42 54.61 36.10
C ALA A 259 5.29 55.90 35.31
N ASP A 260 6.43 56.50 34.97
CA ASP A 260 6.44 57.78 34.29
C ASP A 260 6.83 57.67 32.82
N PRO A 261 5.86 57.94 31.92
CA PRO A 261 6.04 57.79 30.47
C PRO A 261 7.24 58.55 29.93
N THR A 262 7.53 59.68 30.57
CA THR A 262 8.67 60.52 30.20
C THR A 262 10.00 59.79 30.45
N LEU A 263 10.00 58.75 31.30
CA LEU A 263 11.22 58.04 31.70
C LEU A 263 11.38 56.64 31.08
N ARG A 264 10.36 56.21 30.35
CA ARG A 264 10.46 54.99 29.53
C ARG A 264 11.30 55.34 28.34
N PRO A 265 11.96 54.34 27.73
CA PRO A 265 12.81 54.72 26.64
C PRO A 265 12.01 55.05 25.42
N SER A 266 12.60 55.83 24.53
CA SER A 266 12.10 55.94 23.17
C SER A 266 12.08 54.58 22.54
N VAL A 267 11.25 54.40 21.53
CA VAL A 267 11.34 53.17 20.78
C VAL A 267 12.74 53.03 20.11
N ALA A 268 13.36 54.16 19.80
CA ALA A 268 14.63 54.23 19.09
C ALA A 268 15.81 53.69 19.86
N GLU A 269 15.74 53.67 21.18
CA GLU A 269 16.83 53.18 22.03
C GLU A 269 16.57 51.79 22.58
N LEU A 270 15.41 51.24 22.26
CA LEU A 270 15.13 49.87 22.62
C LEU A 270 16.19 48.87 22.05
N LEU A 271 16.45 48.90 20.74
CA LEU A 271 17.32 47.90 20.10
C LEU A 271 18.78 48.02 20.49
N THR A 272 19.15 49.08 21.18
CA THR A 272 20.52 49.23 21.63
C THR A 272 20.69 48.98 23.12
N ASP A 273 19.63 48.55 23.78
CA ASP A 273 19.78 48.10 25.15
C ASP A 273 20.67 46.84 25.17
N GLU A 274 21.33 46.61 26.30
CA GLU A 274 22.25 45.50 26.40
C GLU A 274 21.58 44.13 26.24
N PHE A 275 20.28 44.05 26.52
CA PHE A 275 19.52 42.85 26.30
C PHE A 275 19.55 42.36 24.83
N PHE A 276 19.60 43.30 23.90
CA PHE A 276 19.67 42.99 22.50
C PHE A 276 21.09 42.87 21.97
N THR A 277 22.03 43.57 22.56
CA THR A 277 23.40 43.58 22.05
C THR A 277 24.29 42.57 22.71
N SER A 278 23.75 41.83 23.66
CA SER A 278 24.45 40.81 24.34
C SER A 278 23.58 39.59 24.18
N GLY A 279 24.13 38.42 24.30
CA GLY A 279 23.31 37.25 24.23
C GLY A 279 23.13 36.81 22.81
N TYR A 280 22.89 35.53 22.65
CA TYR A 280 22.66 34.94 21.38
C TYR A 280 21.34 35.49 20.84
N ALA A 281 21.36 35.88 19.58
CA ALA A 281 20.21 36.47 18.97
C ALA A 281 19.97 35.85 17.61
N PRO A 282 19.24 34.72 17.52
CA PRO A 282 18.98 34.14 16.21
C PRO A 282 18.19 35.07 15.33
N MET A 283 18.52 35.05 14.06
CA MET A 283 17.95 35.94 13.07
C MET A 283 16.68 35.32 12.50
N ARG A 284 16.59 34.00 12.50
CA ARG A 284 15.43 33.30 12.03
C ARG A 284 15.04 32.27 13.06
N LEU A 285 13.74 31.94 13.11
CA LEU A 285 13.20 30.80 13.90
C LEU A 285 12.43 29.80 13.03
N PRO A 286 12.55 28.48 13.30
CA PRO A 286 11.71 27.44 12.67
C PRO A 286 10.29 27.40 13.31
N THR A 287 9.35 26.79 12.58
CA THR A 287 8.01 26.80 12.97
C THR A 287 7.84 25.89 14.19
N SER A 288 8.80 24.97 14.39
CA SER A 288 8.78 24.11 15.56
C SER A 288 8.64 24.89 16.89
N CYS A 289 9.11 26.11 16.90
CA CYS A 289 9.10 26.99 18.02
C CYS A 289 7.66 27.37 18.43
N LEU A 290 6.71 27.15 17.53
CA LEU A 290 5.32 27.37 17.81
C LEU A 290 4.84 26.45 18.96
N THR A 291 5.49 25.29 19.12
CA THR A 291 4.97 24.30 20.05
C THR A 291 6.00 23.86 21.12
N VAL A 292 7.30 23.71 20.80
CA VAL A 292 8.30 23.30 21.74
C VAL A 292 9.61 24.10 21.58
N PRO A 293 10.46 24.09 22.61
CA PRO A 293 11.75 24.74 22.53
C PRO A 293 12.61 24.32 21.33
N PRO A 294 13.39 25.23 20.81
CA PRO A 294 14.30 24.96 19.74
C PRO A 294 15.61 24.22 20.15
N ARG A 295 16.37 23.83 19.12
CA ARG A 295 17.63 23.04 19.27
C ARG A 295 18.61 23.78 20.25
N PHE A 296 19.21 24.89 19.90
CA PHE A 296 20.23 25.43 20.83
C PHE A 296 20.92 24.31 21.62
N THR B 5 1.73 16.05 33.73
CA THR B 5 0.59 17.05 33.78
C THR B 5 -0.33 17.16 32.59
N HIS B 6 0.23 17.01 31.40
CA HIS B 6 -0.58 17.06 30.22
C HIS B 6 -1.81 16.17 30.28
N LEU B 7 -1.65 14.90 30.69
CA LEU B 7 -2.73 13.94 30.60
C LEU B 7 -3.78 14.26 31.68
N THR B 8 -3.30 14.64 32.84
CA THR B 8 -4.17 14.99 33.90
C THR B 8 -5.03 16.15 33.53
N ASP B 9 -4.40 17.18 33.02
CA ASP B 9 -5.20 18.36 32.61
C ASP B 9 -6.12 18.00 31.47
N MET B 10 -5.66 17.16 30.54
CA MET B 10 -6.56 16.74 29.50
C MET B 10 -7.77 15.98 29.99
N LEU B 11 -7.55 15.06 30.90
CA LEU B 11 -8.61 14.27 31.48
C LEU B 11 -9.68 15.10 32.14
N GLN B 12 -9.23 16.09 32.91
CA GLN B 12 -10.10 17.02 33.58
C GLN B 12 -10.86 17.86 32.56
N GLN B 13 -10.21 18.27 31.46
CA GLN B 13 -10.96 19.06 30.46
C GLN B 13 -12.05 18.27 29.76
N LEU B 14 -11.72 17.01 29.46
CA LEU B 14 -12.66 16.10 28.86
C LEU B 14 -13.84 15.76 29.82
N ALA B 15 -13.52 15.50 31.06
CA ALA B 15 -14.59 15.26 32.10
C ALA B 15 -15.56 16.42 32.14
N VAL B 16 -15.04 17.62 32.09
CA VAL B 16 -15.90 18.77 32.15
C VAL B 16 -16.82 18.87 30.86
N VAL B 17 -16.21 18.75 29.67
CA VAL B 17 -17.08 18.87 28.50
C VAL B 17 -18.13 17.75 28.42
N ASN B 18 -17.70 16.55 28.71
CA ASN B 18 -18.57 15.38 28.65
C ASN B 18 -19.73 15.44 29.69
N ALA B 19 -19.46 16.10 30.80
CA ALA B 19 -20.40 16.14 31.86
C ALA B 19 -21.43 17.20 31.54
N ALA B 20 -21.09 18.14 30.67
CA ALA B 20 -22.09 19.09 30.15
C ALA B 20 -23.04 18.47 29.07
N LYS B 21 -22.86 17.20 28.72
CA LYS B 21 -23.70 16.52 27.72
C LYS B 21 -23.98 17.38 26.50
N PRO B 22 -22.93 17.70 25.70
CA PRO B 22 -23.06 18.71 24.65
C PRO B 22 -23.97 18.32 23.46
N SER B 23 -24.27 17.05 23.25
CA SER B 23 -25.19 16.69 22.18
C SER B 23 -26.63 16.63 22.63
N ASP B 24 -26.88 16.62 23.93
CA ASP B 24 -28.25 16.54 24.42
C ASP B 24 -28.83 17.96 24.65
N ARG B 25 -29.13 18.62 23.53
CA ARG B 25 -29.61 19.94 23.47
C ARG B 25 -30.65 19.95 22.37
N GLY B 26 -31.70 20.76 22.55
CA GLY B 26 -32.70 20.94 21.50
C GLY B 26 -32.10 21.40 20.17
N PHE B 27 -31.21 22.37 20.21
CA PHE B 27 -30.65 22.96 18.99
C PHE B 27 -29.15 23.14 19.13
N ILE B 28 -28.41 22.30 18.44
CA ILE B 28 -26.93 22.35 18.51
C ILE B 28 -26.35 23.43 17.59
N ARG B 29 -25.44 24.26 18.13
CA ARG B 29 -24.73 25.23 17.32
C ARG B 29 -23.20 24.98 17.37
N GLN B 30 -22.80 23.80 16.88
CA GLN B 30 -21.39 23.35 16.79
C GLN B 30 -20.47 24.35 16.13
N GLU B 31 -20.91 24.98 15.05
CA GLU B 31 -20.10 25.94 14.33
C GLU B 31 -19.64 27.15 15.17
N GLU B 32 -20.38 27.51 16.19
CA GLU B 32 -19.98 28.58 17.18
C GLU B 32 -18.86 28.14 18.16
N ALA B 33 -18.62 26.87 18.22
CA ALA B 33 -17.54 26.40 19.02
C ALA B 33 -16.19 26.28 18.24
N GLU B 34 -16.18 26.63 16.96
CA GLU B 34 -14.99 26.56 16.17
C GLU B 34 -13.98 27.57 16.57
N ASP B 35 -12.73 27.16 16.71
CA ASP B 35 -11.65 28.07 17.00
C ASP B 35 -10.37 27.70 16.13
N PRO B 36 -10.37 28.15 14.88
CA PRO B 36 -9.21 27.87 14.02
C PRO B 36 -7.86 28.35 14.53
N ALA B 37 -7.80 29.32 15.41
CA ALA B 37 -6.54 29.70 16.06
C ALA B 37 -5.84 28.56 16.84
N CYS B 38 -6.57 27.52 17.18
CA CYS B 38 -6.04 26.44 17.97
C CYS B 38 -5.68 25.23 17.17
N ILE B 39 -5.66 25.34 15.86
CA ILE B 39 -5.22 24.27 14.97
C ILE B 39 -3.81 23.75 15.44
N PRO B 40 -3.66 22.46 15.61
CA PRO B 40 -2.41 21.84 15.96
C PRO B 40 -1.23 22.11 15.05
N VAL B 41 -0.04 22.16 15.65
CA VAL B 41 1.10 22.50 14.91
C VAL B 41 1.60 21.23 14.26
N PHE B 42 1.54 20.12 14.99
CA PHE B 42 1.96 18.88 14.44
C PHE B 42 0.89 17.88 14.79
N TRP B 43 0.69 16.93 13.89
CA TRP B 43 0.00 15.69 14.18
C TRP B 43 0.72 14.51 13.43
N ILE B 44 0.31 13.28 13.75
CA ILE B 44 0.89 12.09 13.16
C ILE B 44 0.13 11.76 11.88
N SER B 45 0.84 11.81 10.75
CA SER B 45 0.19 11.57 9.51
C SER B 45 0.27 10.09 9.14
N LYS B 46 1.29 9.37 9.61
CA LYS B 46 1.43 7.95 9.29
C LYS B 46 2.11 7.24 10.39
N TRP B 47 1.95 5.92 10.39
CA TRP B 47 2.54 5.08 11.49
C TRP B 47 2.71 3.60 11.07
N VAL B 48 3.66 2.92 11.68
CA VAL B 48 3.79 1.49 11.45
C VAL B 48 4.09 0.77 12.75
N ASP B 49 3.22 -0.16 13.12
CA ASP B 49 3.38 -0.88 14.38
C ASP B 49 4.19 -2.16 14.09
N TYR B 50 5.50 -2.01 14.23
CA TYR B 50 6.48 -3.06 14.10
C TYR B 50 7.04 -3.45 15.51
N SER B 51 6.15 -3.41 16.50
CA SER B 51 6.51 -3.53 17.93
C SER B 51 6.80 -4.95 18.37
N ASP B 52 6.48 -5.93 17.53
CA ASP B 52 6.88 -7.31 17.75
C ASP B 52 8.37 -7.52 17.58
N LYS B 53 9.07 -6.56 16.98
CA LYS B 53 10.54 -6.67 16.73
C LYS B 53 11.38 -5.43 17.01
N TYR B 54 10.98 -4.28 16.47
CA TYR B 54 11.76 -3.05 16.53
C TYR B 54 11.08 -2.00 17.40
N GLY B 55 9.82 -1.73 17.10
CA GLY B 55 9.07 -0.64 17.73
C GLY B 55 8.03 -0.01 16.80
N LEU B 56 7.56 1.20 17.19
CA LEU B 56 6.57 1.88 16.42
C LEU B 56 7.20 3.03 15.69
N GLY B 57 7.03 3.08 14.33
CA GLY B 57 7.60 4.15 13.53
C GLY B 57 6.53 5.08 13.08
N TYR B 58 6.83 6.36 12.96
CA TYR B 58 5.77 7.32 12.57
C TYR B 58 6.29 8.52 11.81
N GLN B 59 5.38 9.16 11.14
CA GLN B 59 5.67 10.36 10.47
C GLN B 59 4.75 11.51 10.94
N LEU B 60 5.36 12.65 11.21
CA LEU B 60 4.59 13.85 11.55
C LEU B 60 4.16 14.57 10.29
N SER B 61 3.26 15.51 10.47
CA SER B 61 2.67 16.33 9.44
C SER B 61 3.64 17.28 8.72
N ASP B 62 4.82 17.53 9.25
CA ASP B 62 5.85 18.29 8.59
C ASP B 62 6.83 17.36 7.87
N ASN B 63 6.46 16.07 7.75
CA ASN B 63 7.35 14.99 7.11
C ASN B 63 8.62 14.63 7.87
N SER B 64 8.80 15.09 9.10
CA SER B 64 9.82 14.48 9.96
C SER B 64 9.36 13.10 10.37
N VAL B 65 10.26 12.27 10.89
CA VAL B 65 9.87 10.94 11.26
C VAL B 65 10.48 10.56 12.55
N GLY B 66 9.92 9.54 13.16
CA GLY B 66 10.38 9.09 14.40
C GLY B 66 10.15 7.58 14.57
N VAL B 67 10.85 6.97 15.53
CA VAL B 67 10.61 5.57 15.90
C VAL B 67 10.72 5.52 17.42
N LEU B 68 9.75 4.88 18.09
CA LEU B 68 9.86 4.53 19.51
C LEU B 68 10.25 3.07 19.56
N PHE B 69 11.50 2.82 19.96
CA PHE B 69 12.07 1.49 19.94
C PHE B 69 11.68 0.74 21.16
N ASN B 70 11.71 -0.58 21.09
CA ASN B 70 11.26 -1.38 22.24
C ASN B 70 12.15 -1.29 23.46
N ASP B 71 13.30 -0.65 23.37
CA ASP B 71 14.10 -0.43 24.58
C ASP B 71 13.73 0.94 25.25
N SER B 72 12.64 1.58 24.82
CA SER B 72 12.21 2.88 25.37
C SER B 72 13.17 4.00 25.05
N THR B 73 13.80 3.93 23.89
CA THR B 73 14.53 5.08 23.39
C THR B 73 13.80 5.53 22.12
N ARG B 74 14.05 6.79 21.70
CA ARG B 74 13.40 7.38 20.55
C ARG B 74 14.42 8.06 19.67
N LEU B 75 14.26 7.87 18.35
CA LEU B 75 15.07 8.56 17.44
C LEU B 75 14.23 9.25 16.40
N ILE B 76 14.48 10.52 16.24
CA ILE B 76 13.66 11.38 15.45
C ILE B 76 14.54 11.98 14.33
N MET B 77 14.02 12.04 13.12
CA MET B 77 14.73 12.62 12.01
C MET B 77 13.88 13.78 11.50
N CYS B 78 14.44 14.96 11.41
CA CYS B 78 13.76 16.06 10.73
C CYS B 78 13.53 15.84 9.22
N ALA B 79 12.71 16.75 8.70
CA ALA B 79 12.36 16.80 7.31
C ALA B 79 13.56 16.88 6.43
N ASP B 80 14.67 17.43 6.90
CA ASP B 80 15.85 17.58 6.03
C ASP B 80 16.56 16.26 5.73
N GLY B 81 16.09 15.18 6.34
CA GLY B 81 16.59 13.84 6.26
C GLY B 81 18.03 13.66 6.80
N ASP B 82 18.44 14.58 7.67
CA ASP B 82 19.81 14.60 8.16
C ASP B 82 19.93 14.87 9.67
N SER B 83 19.19 15.84 10.19
CA SER B 83 19.25 16.19 11.60
C SER B 83 18.44 15.25 12.48
N LEU B 84 19.06 14.69 13.51
CA LEU B 84 18.38 13.77 14.41
C LEU B 84 18.36 14.28 15.81
N GLN B 85 17.30 13.92 16.54
CA GLN B 85 17.25 14.00 17.99
C GLN B 85 17.17 12.63 18.51
N TYR B 86 17.89 12.36 19.55
CA TYR B 86 17.81 11.08 20.21
C TYR B 86 17.45 11.27 21.72
N ILE B 87 16.50 10.46 22.15
CA ILE B 87 16.06 10.48 23.53
C ILE B 87 16.36 9.14 24.16
N ASP B 88 17.25 9.12 25.12
CA ASP B 88 17.68 7.85 25.70
C ASP B 88 16.71 7.41 26.83
N ARG B 89 17.05 6.32 27.50
CA ARG B 89 16.18 5.68 28.46
C ARG B 89 15.85 6.60 29.59
N ASN B 90 16.82 7.40 30.00
CA ASN B 90 16.62 8.39 31.03
C ASN B 90 16.15 9.75 30.52
N SER B 91 15.51 9.78 29.35
CA SER B 91 14.96 10.99 28.77
C SER B 91 15.99 12.07 28.43
N LEU B 92 17.26 11.87 28.63
CA LEU B 92 18.26 12.79 28.05
C LEU B 92 18.12 12.86 26.52
N GLU B 93 18.10 14.07 26.01
CA GLU B 93 17.93 14.32 24.61
C GLU B 93 19.26 14.82 24.03
N SER B 94 19.70 14.15 22.98
CA SER B 94 20.95 14.53 22.30
C SER B 94 20.68 14.95 20.85
N TYR B 95 21.45 15.90 20.34
CA TYR B 95 21.33 16.31 18.94
C TYR B 95 22.48 15.80 18.13
N LEU B 96 22.21 15.22 16.98
CA LEU B 96 23.29 14.72 16.11
C LEU B 96 22.84 14.76 14.65
N SER B 97 23.68 14.24 13.78
CA SER B 97 23.35 14.08 12.40
C SER B 97 23.45 12.62 12.01
N VAL B 98 22.80 12.29 10.92
CA VAL B 98 22.87 10.95 10.36
C VAL B 98 24.25 10.70 9.74
N ARG B 99 25.07 11.72 9.52
CA ARG B 99 26.46 11.50 9.03
C ARG B 99 27.49 11.17 10.11
N SER B 100 27.07 11.22 11.36
CA SER B 100 27.98 11.34 12.48
C SER B 100 27.30 10.94 13.76
N TYR B 101 27.47 9.70 14.14
CA TYR B 101 26.72 9.17 15.27
C TYR B 101 27.56 8.18 16.06
N PRO B 102 27.19 7.94 17.31
CA PRO B 102 27.89 6.88 18.13
C PRO B 102 27.64 5.53 17.55
N SER B 103 28.60 4.61 17.57
CA SER B 103 28.35 3.29 17.01
C SER B 103 27.18 2.52 17.68
N ALA B 104 26.91 2.78 18.96
CA ALA B 104 25.67 2.24 19.60
C ALA B 104 24.35 2.70 18.98
N LEU B 105 24.31 3.78 18.20
CA LEU B 105 23.05 4.16 17.53
C LEU B 105 23.03 3.55 16.11
N SER B 106 24.05 2.83 15.73
CA SER B 106 24.12 2.36 14.36
C SER B 106 22.93 1.52 13.81
N LYS B 107 22.47 0.55 14.59
CA LYS B 107 21.29 -0.25 14.22
C LYS B 107 20.00 0.59 14.15
N LYS B 108 19.87 1.53 15.08
CA LYS B 108 18.70 2.34 15.18
C LYS B 108 18.56 3.28 14.00
N ILE B 109 19.69 3.84 13.62
CA ILE B 109 19.75 4.67 12.41
C ILE B 109 19.30 3.93 11.13
N THR B 110 19.82 2.72 10.98
CA THR B 110 19.41 1.82 9.87
C THR B 110 17.89 1.55 9.99
N LEU B 111 17.43 1.17 11.19
CA LEU B 111 16.02 0.90 11.36
C LEU B 111 15.19 2.14 11.04
N LEU B 112 15.70 3.28 11.48
CA LEU B 112 14.95 4.49 11.27
C LEU B 112 14.77 4.76 9.75
N LYS B 113 15.84 4.62 9.00
CA LYS B 113 15.81 4.87 7.60
C LYS B 113 14.86 3.95 6.89
N TYR B 114 14.86 2.70 7.28
CA TYR B 114 13.90 1.76 6.78
C TYR B 114 12.46 2.21 7.01
N PHE B 115 12.15 2.62 8.24
CA PHE B 115 10.80 3.09 8.49
C PHE B 115 10.54 4.26 7.58
N ARG B 116 11.48 5.20 7.58
CA ARG B 116 11.32 6.39 6.77
C ARG B 116 11.07 6.02 5.31
N ASN B 117 11.92 5.14 4.78
CA ASN B 117 11.76 4.72 3.43
C ASN B 117 10.42 4.11 3.19
N TYR B 118 9.99 3.25 4.10
CA TYR B 118 8.73 2.57 3.91
C TYR B 118 7.55 3.56 3.90
N MET B 119 7.65 4.64 4.68
CA MET B 119 6.49 5.51 4.85
C MET B 119 6.45 6.59 3.81
N SER B 120 7.56 6.88 3.12
CA SER B 120 7.61 7.94 2.14
C SER B 120 6.86 7.55 0.88
N GLU B 121 6.15 8.50 0.27
CA GLU B 121 5.42 8.28 -1.00
C GLU B 121 6.03 9.17 -2.09
N PRO B 132 16.07 23.71 3.16
CA PRO B 132 17.07 24.05 4.16
C PRO B 132 17.38 25.57 4.16
N ARG B 133 16.40 26.38 4.53
CA ARG B 133 16.64 27.82 4.65
C ARG B 133 17.28 28.12 5.99
N GLU B 134 17.73 29.35 6.16
CA GLU B 134 18.22 29.84 7.45
C GLU B 134 17.08 29.72 8.53
N GLY B 135 17.48 29.17 9.69
CA GLY B 135 16.55 28.90 10.74
C GLY B 135 16.16 27.46 10.88
N ASP B 136 16.13 26.71 9.78
CA ASP B 136 15.73 25.28 9.80
C ASP B 136 16.67 24.51 10.67
N GLU B 137 17.87 25.02 10.87
CA GLU B 137 18.85 24.27 11.65
C GLU B 137 18.48 24.29 13.12
N LEU B 138 17.47 25.05 13.46
CA LEU B 138 17.05 25.13 14.86
C LEU B 138 15.84 24.29 15.18
N THR B 139 15.34 23.57 14.17
CA THR B 139 14.22 22.72 14.25
C THR B 139 14.42 21.71 15.34
N ARG B 140 13.52 21.67 16.34
CA ARG B 140 13.48 20.59 17.31
C ARG B 140 12.03 20.14 17.46
N LEU B 141 11.82 18.82 17.42
CA LEU B 141 10.47 18.30 17.33
C LEU B 141 10.06 17.65 18.64
N PRO B 142 8.78 17.67 18.91
CA PRO B 142 8.20 16.79 19.94
C PRO B 142 8.32 15.36 19.53
N TYR B 143 8.26 14.43 20.47
CA TYR B 143 8.48 13.04 20.11
C TYR B 143 7.36 12.25 20.76
N LEU B 144 7.21 10.98 20.31
CA LEU B 144 6.22 10.07 20.83
C LEU B 144 6.57 9.53 22.18
N ARG B 145 5.74 9.81 23.19
CA ARG B 145 5.97 9.38 24.56
C ARG B 145 5.33 8.06 24.82
N HIS B 146 4.07 7.94 24.55
CA HIS B 146 3.41 6.66 24.67
C HIS B 146 2.40 6.44 23.55
N TRP B 147 2.08 5.18 23.36
CA TRP B 147 1.03 4.80 22.44
C TRP B 147 0.41 3.50 22.89
N PHE B 148 -0.82 3.21 22.47
CA PHE B 148 -1.31 1.85 22.48
C PHE B 148 -2.28 1.68 21.34
N ARG B 149 -2.49 0.45 20.91
CA ARG B 149 -3.37 0.14 19.81
C ARG B 149 -4.39 -0.88 20.28
N THR B 150 -5.61 -0.73 19.83
CA THR B 150 -6.64 -1.76 19.95
C THR B 150 -7.09 -2.18 18.55
N LYS B 151 -8.16 -2.95 18.43
CA LYS B 151 -8.58 -3.49 17.11
C LYS B 151 -9.25 -2.42 16.28
N SER B 152 -9.82 -1.42 16.96
CA SER B 152 -10.55 -0.36 16.30
C SER B 152 -9.88 1.04 16.33
N ALA B 153 -8.79 1.21 17.06
CA ALA B 153 -8.17 2.50 17.17
C ALA B 153 -6.73 2.46 17.61
N ILE B 154 -5.99 3.52 17.29
CA ILE B 154 -4.69 3.72 17.88
C ILE B 154 -4.61 5.05 18.62
N VAL B 155 -3.92 5.07 19.76
CA VAL B 155 -3.76 6.31 20.48
C VAL B 155 -2.32 6.65 20.72
N LEU B 156 -1.98 7.89 20.46
CA LEU B 156 -0.68 8.40 20.39
C LEU B 156 -0.54 9.65 21.24
N HIS B 157 0.42 9.66 22.15
CA HIS B 157 0.70 10.79 22.99
C HIS B 157 2.14 11.33 22.72
N LEU B 158 2.18 12.56 22.19
CA LEU B 158 3.41 13.27 22.00
C LEU B 158 3.83 14.05 23.23
N SER B 159 5.08 14.49 23.21
CA SER B 159 5.76 15.11 24.33
C SER B 159 5.30 16.54 24.57
N ASN B 160 4.58 17.12 23.61
CA ASN B 160 4.07 18.45 23.75
C ASN B 160 2.63 18.43 24.32
N GLY B 161 2.17 17.26 24.68
CA GLY B 161 0.88 17.14 25.33
C GLY B 161 -0.24 16.71 24.42
N THR B 162 -0.04 16.81 23.11
CA THR B 162 -1.00 16.33 22.14
C THR B 162 -1.32 14.85 22.28
N VAL B 163 -2.60 14.49 22.24
CA VAL B 163 -3.06 13.12 22.21
C VAL B 163 -3.83 12.95 20.91
N GLN B 164 -3.50 11.91 20.15
CA GLN B 164 -4.15 11.70 18.86
C GLN B 164 -4.76 10.33 18.84
N ILE B 165 -5.96 10.26 18.33
CA ILE B 165 -6.69 9.06 18.30
C ILE B 165 -7.08 8.86 16.87
N ASN B 166 -6.63 7.78 16.27
CA ASN B 166 -7.11 7.41 14.96
C ASN B 166 -8.14 6.28 15.07
N PHE B 167 -9.31 6.50 14.49
CA PHE B 167 -10.36 5.52 14.37
C PHE B 167 -10.27 4.78 13.03
N PHE B 168 -10.12 3.47 13.07
CA PHE B 168 -9.75 2.70 11.89
C PHE B 168 -10.87 2.47 10.96
N GLN B 169 -12.07 2.38 11.51
CA GLN B 169 -13.22 2.09 10.71
C GLN B 169 -13.49 3.18 9.68
N ASP B 170 -13.73 4.40 10.14
CA ASP B 170 -14.11 5.46 9.23
C ASP B 170 -12.95 6.34 8.83
N HIS B 171 -11.74 5.86 9.09
CA HIS B 171 -10.55 6.66 8.80
C HIS B 171 -10.62 8.10 9.37
N THR B 172 -11.06 8.28 10.60
CA THR B 172 -11.14 9.61 11.19
C THR B 172 -10.18 9.74 12.37
N LYS B 173 -9.97 10.98 12.78
CA LYS B 173 -9.04 11.30 13.79
C LYS B 173 -9.59 12.36 14.77
N LEU B 174 -9.13 12.26 16.00
CA LEU B 174 -9.24 13.34 16.94
C LEU B 174 -7.87 13.72 17.41
N ILE B 175 -7.62 15.00 17.55
CA ILE B 175 -6.39 15.46 18.09
C ILE B 175 -6.70 16.42 19.20
N LEU B 176 -6.21 16.12 20.40
CA LEU B 176 -6.58 16.88 21.60
C LEU B 176 -5.32 17.52 22.17
N CYS B 177 -5.45 18.76 22.60
CA CYS B 177 -4.38 19.51 23.22
C CYS B 177 -4.91 20.18 24.51
N PRO B 178 -4.32 19.84 25.64
CA PRO B 178 -4.69 20.40 26.89
C PRO B 178 -4.17 21.81 27.11
N LEU B 179 -3.17 22.17 26.31
CA LEU B 179 -2.60 23.50 26.36
C LEU B 179 -3.53 24.54 25.70
N MET B 180 -4.09 24.22 24.54
CA MET B 180 -5.04 25.12 23.89
C MET B 180 -6.45 24.79 24.40
N GLY B 181 -6.61 23.73 25.19
CA GLY B 181 -7.97 23.27 25.55
C GLY B 181 -8.79 23.01 24.29
N ALA B 182 -8.20 22.30 23.31
CA ALA B 182 -8.85 22.14 22.03
C ALA B 182 -8.92 20.72 21.55
N VAL B 183 -9.86 20.49 20.63
CA VAL B 183 -10.08 19.21 20.02
C VAL B 183 -10.29 19.44 18.51
N THR B 184 -9.47 18.72 17.69
CA THR B 184 -9.59 18.82 16.27
C THR B 184 -10.16 17.52 15.80
N TYR B 185 -11.25 17.62 15.05
CA TYR B 185 -11.79 16.46 14.35
C TYR B 185 -11.43 16.44 12.86
N ILE B 186 -10.89 15.32 12.40
CA ILE B 186 -10.55 15.16 11.00
C ILE B 186 -11.45 14.11 10.47
N ASN B 187 -12.29 14.49 9.53
CA ASN B 187 -13.37 13.60 9.02
C ASN B 187 -12.85 12.76 7.87
N GLU B 188 -13.72 11.90 7.29
CA GLU B 188 -13.33 11.02 6.13
C GLU B 188 -12.78 11.84 4.98
N LYS B 189 -13.40 12.99 4.70
CA LYS B 189 -13.03 13.83 3.56
C LYS B 189 -11.73 14.59 3.85
N ARG B 190 -11.13 14.29 4.98
CA ARG B 190 -9.85 14.84 5.40
C ARG B 190 -9.95 16.33 5.79
N GLU B 191 -11.16 16.78 6.09
CA GLU B 191 -11.36 18.15 6.59
C GLU B 191 -11.04 18.24 8.07
N PHE B 192 -10.21 19.21 8.43
CA PHE B 192 -9.89 19.56 9.80
C PHE B 192 -10.90 20.55 10.32
N TYR B 193 -11.42 20.27 11.52
CA TYR B 193 -12.23 21.24 12.27
C TYR B 193 -11.73 21.26 13.70
N THR B 194 -11.35 22.47 14.11
CA THR B 194 -10.86 22.67 15.45
C THR B 194 -11.86 23.47 16.38
N TYR B 195 -12.11 22.92 17.56
CA TYR B 195 -13.12 23.43 18.48
C TYR B 195 -12.53 23.67 19.86
N LYS B 196 -12.97 24.73 20.53
CA LYS B 196 -12.58 25.02 21.91
C LYS B 196 -13.54 24.25 22.78
N MET B 197 -13.04 23.45 23.71
CA MET B 197 -13.90 22.56 24.42
C MET B 197 -14.91 23.33 25.36
N THR B 198 -14.48 24.47 25.95
CA THR B 198 -15.35 25.34 26.76
C THR B 198 -16.50 25.85 25.83
N LEU B 199 -16.21 26.11 24.56
CA LEU B 199 -17.28 26.52 23.65
C LEU B 199 -18.19 25.35 23.28
N ILE B 200 -17.61 24.14 23.17
CA ILE B 200 -18.49 22.98 22.98
C ILE B 200 -19.45 22.81 24.16
N GLU B 201 -18.96 23.08 25.37
CA GLU B 201 -19.77 23.11 26.55
C GLU B 201 -20.92 24.13 26.42
N GLU B 202 -20.63 25.33 25.94
CA GLU B 202 -21.66 26.38 25.75
C GLU B 202 -22.64 26.13 24.60
N PHE B 203 -22.11 25.87 23.42
CA PHE B 203 -22.95 25.76 22.20
C PHE B 203 -23.36 24.34 21.79
N GLY B 204 -22.72 23.33 22.35
CA GLY B 204 -23.06 21.96 22.00
C GLY B 204 -22.27 21.40 20.83
N CYS B 205 -22.34 20.07 20.65
CA CYS B 205 -21.83 19.44 19.41
C CYS B 205 -22.68 18.26 19.05
N CYS B 206 -22.51 17.74 17.83
CA CYS B 206 -23.32 16.63 17.38
C CYS B 206 -23.09 15.36 18.16
N LYS B 207 -24.02 14.41 18.05
CA LYS B 207 -23.96 13.09 18.73
C LYS B 207 -22.63 12.40 18.47
N GLU B 208 -22.21 12.41 17.20
CA GLU B 208 -20.99 11.72 16.77
C GLU B 208 -19.73 12.28 17.43
N LEU B 209 -19.59 13.59 17.44
CA LEU B 209 -18.46 14.17 18.17
C LEU B 209 -18.49 13.91 19.67
N ALA B 210 -19.66 14.01 20.26
CA ALA B 210 -19.83 13.83 21.68
C ALA B 210 -19.39 12.43 22.06
N SER B 211 -19.81 11.44 21.30
CA SER B 211 -19.41 10.07 21.62
C SER B 211 -17.90 9.88 21.42
N ARG B 212 -17.31 10.52 20.41
CA ARG B 212 -15.84 10.52 20.31
C ARG B 212 -15.12 11.22 21.46
N LEU B 213 -15.74 12.23 22.03
CA LEU B 213 -15.16 12.86 23.25
C LEU B 213 -15.25 11.92 24.47
N ARG B 214 -16.32 11.18 24.59
CA ARG B 214 -16.42 10.18 25.67
C ARG B 214 -15.33 9.15 25.46
N TYR B 215 -15.18 8.73 24.21
CA TYR B 215 -14.22 7.68 23.84
C TYR B 215 -12.83 8.14 24.16
N ALA B 216 -12.55 9.39 23.83
CA ALA B 216 -11.26 9.98 24.12
C ALA B 216 -10.95 10.01 25.59
N ARG B 217 -11.96 10.35 26.44
CA ARG B 217 -11.75 10.31 27.88
C ARG B 217 -11.36 8.90 28.35
N ASN B 218 -12.01 7.92 27.77
CA ASN B 218 -11.69 6.52 28.04
C ASN B 218 -10.25 6.12 27.59
N MET B 219 -9.84 6.58 26.39
CA MET B 219 -8.53 6.32 25.87
C MET B 219 -7.43 6.92 26.69
N VAL B 220 -7.66 8.17 27.08
CA VAL B 220 -6.75 8.90 27.94
C VAL B 220 -6.61 8.22 29.32
N GLU B 221 -7.71 7.77 29.92
CA GLU B 221 -7.64 6.96 31.16
C GLU B 221 -6.74 5.74 30.93
N LYS B 222 -6.87 5.10 29.75
CA LYS B 222 -6.06 3.93 29.48
C LYS B 222 -4.56 4.32 29.38
N LEU B 223 -4.28 5.50 28.83
CA LEU B 223 -2.89 5.99 28.80
C LEU B 223 -2.31 6.17 30.21
N MET B 224 -3.04 6.82 31.08
CA MET B 224 -2.58 7.05 32.44
C MET B 224 -2.43 5.77 33.23
N ALA B 225 -3.26 4.75 32.93
CA ALA B 225 -3.22 3.45 33.67
C ALA B 225 -2.07 2.48 33.27
N CYS B 226 -1.52 2.61 32.07
CA CYS B 226 -0.39 1.76 31.65
C CYS B 226 0.90 2.06 32.46
N LYS B 227 1.27 3.34 32.56
CA LYS B 227 2.38 3.77 33.45
C LYS B 227 2.08 3.75 34.94
N LEU C 9 -8.24 -2.76 30.18
CA LEU C 9 -6.98 -2.72 29.39
C LEU C 9 -6.81 -3.91 28.41
N ASP C 10 -7.77 -4.83 28.42
CA ASP C 10 -7.68 -6.05 27.64
C ASP C 10 -7.77 -5.80 26.16
N ASP C 11 -8.41 -4.68 25.78
CA ASP C 11 -8.51 -4.28 24.38
C ASP C 11 -7.13 -4.00 23.79
N LEU C 12 -6.18 -3.63 24.65
CA LEU C 12 -4.85 -3.28 24.18
C LEU C 12 -4.14 -4.47 23.55
N VAL C 13 -4.06 -4.45 22.24
CA VAL C 13 -3.36 -5.49 21.49
C VAL C 13 -1.84 -5.22 21.44
N ALA C 14 -1.44 -3.97 21.54
CA ALA C 14 -0.06 -3.55 21.47
C ALA C 14 0.07 -2.20 22.16
N GLU C 15 1.25 -1.95 22.73
CA GLU C 15 1.54 -0.72 23.40
C GLU C 15 3.02 -0.36 23.48
N SER C 16 3.32 0.83 23.94
CA SER C 16 4.65 1.26 24.03
C SER C 16 5.27 0.56 25.22
N PRO C 17 6.59 0.42 25.19
CA PRO C 17 7.26 -0.28 26.26
C PRO C 17 7.22 0.48 27.59
N ARG C 18 7.00 -0.27 28.66
CA ARG C 18 7.09 0.28 29.99
C ARG C 18 8.51 0.14 30.42
N LYS C 19 9.20 1.27 30.56
CA LYS C 19 10.65 1.25 30.67
C LYS C 19 11.07 0.28 31.76
N GLU C 20 10.25 0.21 32.81
CA GLU C 20 10.49 -0.69 33.91
C GLU C 20 10.58 -2.15 33.51
N PHE C 21 9.76 -2.62 32.56
CA PHE C 21 9.75 -4.05 32.22
C PHE C 21 10.27 -4.35 30.81
N ALA C 22 10.78 -3.32 30.11
CA ALA C 22 11.19 -3.48 28.71
C ALA C 22 12.64 -3.97 28.63
N ARG C 23 13.01 -4.52 27.48
CA ARG C 23 14.44 -4.83 27.21
C ARG C 23 15.25 -3.55 27.33
N ILE C 24 16.50 -3.65 27.75
CA ILE C 24 17.22 -2.43 28.06
C ILE C 24 18.04 -1.92 26.92
N ASN C 25 18.16 -2.73 25.87
CA ASN C 25 18.81 -2.29 24.65
C ASN C 25 18.33 -3.11 23.50
N MET C 26 18.73 -2.71 22.30
CA MET C 26 18.34 -3.41 21.08
C MET C 26 19.58 -4.09 20.47
N ASP C 27 20.47 -4.59 21.32
CA ASP C 27 21.64 -5.34 20.86
C ASP C 27 21.23 -6.74 20.38
N GLY C 28 20.20 -7.31 21.06
CA GLY C 28 19.64 -8.64 20.73
C GLY C 28 18.96 -8.75 19.36
N ILE C 29 18.68 -7.59 18.74
CA ILE C 29 17.90 -7.56 17.51
C ILE C 29 18.79 -7.49 16.32
N ALA C 30 18.48 -8.32 15.33
CA ALA C 30 19.20 -8.37 14.07
C ALA C 30 18.56 -7.40 13.10
N VAL C 31 19.41 -6.76 12.32
CA VAL C 31 18.97 -5.79 11.35
C VAL C 31 18.76 -6.56 10.07
N PRO C 32 17.56 -6.52 9.50
CA PRO C 32 17.31 -7.26 8.30
C PRO C 32 17.71 -6.51 7.04
N ASP C 33 17.75 -7.24 5.96
CA ASP C 33 17.58 -6.73 4.63
C ASP C 33 16.39 -5.80 4.58
N GLU C 34 16.54 -4.70 3.86
CA GLU C 34 15.45 -3.76 3.73
C GLU C 34 14.22 -4.40 3.08
N ARG C 35 14.45 -5.32 2.15
CA ARG C 35 13.38 -6.01 1.44
C ARG C 35 12.52 -6.80 2.38
N GLU C 36 13.15 -7.51 3.30
CA GLU C 36 12.37 -8.29 4.23
C GLU C 36 11.63 -7.40 5.23
N PHE C 37 12.24 -6.30 5.65
CA PHE C 37 11.63 -5.32 6.51
C PHE C 37 10.37 -4.82 5.80
N ASP C 38 10.50 -4.47 4.51
CA ASP C 38 9.36 -3.87 3.80
C ASP C 38 8.21 -4.88 3.64
N ILE C 39 8.55 -6.10 3.24
CA ILE C 39 7.53 -7.14 3.11
C ILE C 39 6.79 -7.42 4.42
N GLU C 40 7.55 -7.61 5.52
CA GLU C 40 6.92 -7.85 6.81
C GLU C 40 6.14 -6.64 7.27
N ALA C 41 6.63 -5.44 6.96
CA ALA C 41 5.95 -4.22 7.39
C ALA C 41 4.56 -4.11 6.76
N ASP C 42 4.44 -4.57 5.52
CA ASP C 42 3.15 -4.62 4.82
C ASP C 42 2.17 -5.51 5.55
N MET C 43 2.68 -6.49 6.27
CA MET C 43 1.78 -7.38 7.01
C MET C 43 1.61 -6.96 8.46
N ARG C 44 2.14 -5.78 8.79
CA ARG C 44 1.98 -5.20 10.11
C ARG C 44 0.86 -4.16 10.07
N PRO C 45 0.21 -3.92 11.19
CA PRO C 45 -0.68 -2.78 11.30
C PRO C 45 0.07 -1.50 10.95
N HIS C 46 -0.57 -0.67 10.17
CA HIS C 46 -0.05 0.57 9.72
C HIS C 46 -1.14 1.44 9.04
N GLU C 47 -0.87 2.73 8.94
CA GLU C 47 -1.66 3.67 8.16
C GLU C 47 -0.64 4.51 7.40
N LEU C 48 -0.71 4.55 6.08
CA LEU C 48 0.16 5.39 5.29
C LEU C 48 -0.56 6.50 4.58
N GLU C 49 -1.87 6.60 4.79
CA GLU C 49 -2.67 7.70 4.22
C GLU C 49 -2.30 7.98 2.77
N GLN C 50 -2.18 6.93 1.96
CA GLN C 50 -1.91 7.07 0.55
C GLN C 50 -3.01 7.93 -0.08
N GLU C 51 -2.63 9.00 -0.75
CA GLU C 51 -3.60 9.71 -1.55
C GLU C 51 -3.18 9.58 -3.02
N SER C 52 -4.10 9.09 -3.85
CA SER C 52 -3.77 8.64 -5.22
C SER C 52 -3.43 9.77 -6.20
N ASP C 53 -2.55 9.42 -7.12
CA ASP C 53 -2.04 10.29 -8.17
C ASP C 53 -3.19 10.62 -9.13
N THR C 54 -3.40 11.91 -9.42
CA THR C 54 -4.43 12.32 -10.37
C THR C 54 -3.85 12.65 -11.75
N PHE C 55 -2.53 12.49 -11.90
CA PHE C 55 -1.83 12.67 -13.18
C PHE C 55 -2.16 14.00 -13.88
N GLY C 56 -2.01 15.09 -13.12
CA GLY C 56 -2.20 16.44 -13.63
C GLY C 56 -3.65 16.87 -13.77
N ALA C 57 -4.55 15.90 -13.73
CA ALA C 57 -5.98 16.15 -13.92
C ALA C 57 -6.63 16.12 -12.55
N SER D 5 23.42 -45.13 6.34
CA SER D 5 23.55 -45.14 4.85
C SER D 5 24.77 -44.38 4.34
N ALA D 6 25.16 -44.74 3.13
CA ALA D 6 26.27 -44.06 2.45
C ALA D 6 25.76 -42.79 1.79
N PRO D 7 26.59 -41.76 1.76
CA PRO D 7 26.17 -40.49 1.22
C PRO D 7 25.88 -40.64 -0.25
N LEU D 8 24.88 -39.92 -0.73
CA LEU D 8 24.48 -40.03 -2.13
C LEU D 8 25.45 -39.25 -2.98
N LYS D 9 25.76 -39.76 -4.17
CA LYS D 9 26.75 -39.12 -5.03
C LYS D 9 26.10 -38.07 -5.92
N GLU D 10 26.83 -37.00 -6.19
CA GLU D 10 26.35 -35.90 -7.02
C GLU D 10 26.32 -36.25 -8.50
N ILE D 11 25.27 -35.79 -9.17
CA ILE D 11 25.23 -35.82 -10.62
C ILE D 11 26.18 -34.74 -11.17
N PRO D 12 27.06 -35.10 -12.09
CA PRO D 12 27.95 -34.10 -12.69
C PRO D 12 27.19 -33.01 -13.45
N ASP D 13 27.86 -31.90 -13.72
CA ASP D 13 27.24 -30.76 -14.39
C ASP D 13 27.22 -30.97 -15.89
N VAL D 14 28.07 -31.85 -16.37
CA VAL D 14 28.15 -32.13 -17.80
C VAL D 14 28.13 -33.63 -17.99
N LEU D 15 27.31 -34.07 -18.95
CA LEU D 15 27.11 -35.48 -19.18
C LEU D 15 27.79 -35.80 -20.51
N VAL D 16 28.76 -36.70 -20.45
CA VAL D 16 29.45 -37.16 -21.66
C VAL D 16 29.49 -38.68 -21.73
N ASP D 17 29.19 -39.20 -22.91
CA ASP D 17 29.34 -40.61 -23.20
C ASP D 17 30.66 -40.73 -23.92
N PRO D 18 31.57 -41.61 -23.43
CA PRO D 18 32.83 -41.81 -24.16
C PRO D 18 32.57 -42.36 -25.57
N ARG D 19 31.48 -43.12 -25.72
CA ARG D 19 31.07 -43.68 -27.01
C ARG D 19 30.54 -42.64 -28.02
N THR D 20 30.41 -41.38 -27.61
CA THR D 20 29.96 -40.32 -28.52
C THR D 20 30.89 -39.09 -28.56
N MET D 21 31.54 -38.78 -27.43
CA MET D 21 32.28 -37.54 -27.19
C MET D 21 31.33 -36.33 -27.35
N LYS D 22 30.05 -36.54 -27.07
CA LYS D 22 29.01 -35.50 -27.11
C LYS D 22 28.85 -34.86 -25.74
N ARG D 23 28.75 -33.54 -25.72
CA ARG D 23 28.67 -32.76 -24.50
C ARG D 23 27.23 -32.37 -24.24
N TYR D 24 26.71 -32.79 -23.10
CA TYR D 24 25.38 -32.41 -22.66
C TYR D 24 25.46 -31.56 -21.38
N MET D 25 25.02 -30.30 -21.49
CA MET D 25 24.97 -29.40 -20.33
C MET D 25 23.69 -29.68 -19.58
N ARG D 26 23.81 -30.00 -18.28
CA ARG D 26 22.65 -30.29 -17.47
C ARG D 26 22.02 -28.99 -17.01
N GLY D 27 20.80 -28.76 -17.44
CA GLY D 27 20.09 -27.57 -17.07
C GLY D 27 19.08 -27.85 -15.97
N ARG D 28 17.88 -27.30 -16.16
CA ARG D 28 16.94 -27.19 -15.05
C ARG D 28 16.36 -28.56 -14.70
N PHE D 29 15.78 -28.65 -13.50
CA PHE D 29 15.22 -29.88 -12.99
C PHE D 29 13.86 -30.03 -13.66
N LEU D 30 13.58 -31.19 -14.23
CA LEU D 30 12.30 -31.39 -14.91
C LEU D 30 11.35 -32.21 -14.09
N GLY D 31 11.85 -32.86 -13.05
CA GLY D 31 11.02 -33.70 -12.21
C GLY D 31 11.64 -35.05 -11.92
N LYS D 32 11.04 -35.79 -11.00
CA LYS D 32 11.47 -37.13 -10.71
C LYS D 32 10.38 -38.12 -11.08
N GLY D 33 10.76 -39.10 -11.93
CA GLY D 33 9.94 -40.31 -12.23
C GLY D 33 10.49 -41.57 -11.54
N GLY D 34 9.78 -42.09 -10.54
CA GLY D 34 10.22 -43.27 -9.81
C GLY D 34 11.47 -42.97 -9.01
N PHE D 35 12.55 -43.73 -9.29
CA PHE D 35 13.88 -43.49 -8.67
C PHE D 35 14.78 -42.51 -9.47
N ALA D 36 14.45 -42.29 -10.75
CA ALA D 36 15.24 -41.39 -11.59
C ALA D 36 14.89 -39.93 -11.39
N LYS D 37 15.77 -39.06 -11.86
CA LYS D 37 15.51 -37.63 -11.92
C LYS D 37 15.72 -37.15 -13.32
N CYS D 38 14.77 -36.40 -13.85
CA CYS D 38 14.92 -35.76 -15.13
C CYS D 38 15.48 -34.33 -15.07
N TYR D 39 16.25 -34.00 -16.11
CA TYR D 39 16.91 -32.71 -16.24
C TYR D 39 16.94 -32.25 -17.67
N GLU D 40 16.63 -30.97 -17.90
CA GLU D 40 16.75 -30.38 -19.23
C GLU D 40 18.21 -30.39 -19.60
N ILE D 41 18.57 -31.11 -20.64
CA ILE D 41 19.97 -31.15 -21.07
C ILE D 41 20.15 -30.57 -22.49
N THR D 42 21.28 -29.94 -22.75
CA THR D 42 21.50 -29.31 -24.05
C THR D 42 22.82 -29.80 -24.65
N ASP D 43 22.78 -30.19 -25.92
CA ASP D 43 24.00 -30.44 -26.66
C ASP D 43 24.79 -29.14 -26.78
N MET D 44 26.03 -29.14 -26.32
CA MET D 44 26.80 -27.92 -26.19
C MET D 44 27.36 -27.48 -27.54
N ASP D 45 27.26 -28.35 -28.55
CA ASP D 45 27.77 -28.02 -29.89
C ASP D 45 26.66 -27.71 -30.89
N THR D 46 25.46 -28.21 -30.66
CA THR D 46 24.38 -27.99 -31.62
C THR D 46 23.20 -27.24 -31.04
N LYS D 47 23.31 -26.82 -29.78
CA LYS D 47 22.21 -26.17 -29.04
C LYS D 47 20.91 -26.97 -28.88
N GLU D 48 20.87 -28.23 -29.35
CA GLU D 48 19.66 -29.06 -29.26
C GLU D 48 19.29 -29.43 -27.83
N VAL D 49 18.04 -29.16 -27.49
CA VAL D 49 17.53 -29.39 -26.17
C VAL D 49 16.82 -30.72 -26.09
N PHE D 50 17.15 -31.47 -25.04
CA PHE D 50 16.59 -32.78 -24.74
C PHE D 50 16.16 -32.87 -23.28
N ALA D 51 15.42 -33.92 -22.96
CA ALA D 51 15.16 -34.31 -21.56
C ALA D 51 16.11 -35.44 -21.20
N GLY D 52 16.76 -35.34 -20.04
CA GLY D 52 17.78 -36.30 -19.64
C GLY D 52 17.38 -37.00 -18.36
N LYS D 53 17.18 -38.30 -18.43
CA LYS D 53 16.81 -39.10 -17.26
C LYS D 53 18.04 -39.71 -16.59
N VAL D 54 18.22 -39.42 -15.31
CA VAL D 54 19.38 -39.84 -14.53
C VAL D 54 18.98 -40.79 -13.40
N VAL D 55 19.47 -42.02 -13.47
CA VAL D 55 19.20 -43.01 -12.43
C VAL D 55 20.46 -43.33 -11.68
N PRO D 56 20.41 -43.22 -10.35
CA PRO D 56 21.53 -43.68 -9.53
C PRO D 56 21.66 -45.19 -9.57
N LYS D 57 22.87 -45.66 -9.73
CA LYS D 57 23.13 -47.07 -9.69
C LYS D 57 23.13 -47.59 -8.25
N SER D 58 23.05 -46.71 -7.26
CA SER D 58 22.90 -47.15 -5.85
C SER D 58 21.48 -47.57 -5.56
N MET D 59 20.59 -47.37 -6.54
CA MET D 59 19.21 -47.80 -6.44
C MET D 59 18.93 -49.05 -7.25
N LEU D 60 19.82 -49.36 -8.18
CA LEU D 60 19.75 -50.61 -8.94
C LEU D 60 20.49 -51.73 -8.20
N LEU D 61 20.17 -51.89 -6.92
CA LEU D 61 20.90 -52.84 -6.05
C LEU D 61 20.68 -54.32 -6.50
N LYS D 62 19.44 -54.81 -6.42
CA LYS D 62 19.15 -56.21 -6.78
C LYS D 62 19.19 -56.39 -8.31
N PRO D 63 19.80 -57.50 -8.78
CA PRO D 63 19.81 -57.87 -10.21
C PRO D 63 18.49 -57.71 -10.98
N HIS D 64 17.34 -57.89 -10.31
CA HIS D 64 16.05 -57.74 -10.97
C HIS D 64 15.75 -56.27 -11.32
N GLN D 65 16.49 -55.37 -10.70
CA GLN D 65 16.33 -53.95 -10.93
C GLN D 65 17.20 -53.49 -12.11
N LYS D 66 18.42 -54.01 -12.22
CA LYS D 66 19.19 -53.77 -13.44
C LYS D 66 18.55 -54.51 -14.61
N GLU D 67 17.84 -55.59 -14.29
CA GLU D 67 17.04 -56.30 -15.27
C GLU D 67 15.87 -55.43 -15.78
N LYS D 68 15.14 -54.82 -14.84
CA LYS D 68 14.05 -53.92 -15.16
C LYS D 68 14.57 -52.71 -15.98
N MET D 69 15.68 -52.16 -15.52
CA MET D 69 16.29 -50.99 -16.15
C MET D 69 16.72 -51.32 -17.58
N SER D 70 17.41 -52.44 -17.71
CA SER D 70 17.94 -52.84 -19.00
C SER D 70 16.83 -53.17 -19.99
N THR D 71 15.81 -53.88 -19.53
CA THR D 71 14.69 -54.26 -20.41
C THR D 71 13.92 -53.05 -20.88
N GLU D 72 13.78 -52.07 -19.97
CA GLU D 72 13.12 -50.83 -20.29
C GLU D 72 13.84 -50.13 -21.43
N ILE D 73 15.14 -50.00 -21.26
CA ILE D 73 15.96 -49.36 -22.29
C ILE D 73 15.92 -50.14 -23.60
N ALA D 74 15.97 -51.47 -23.51
CA ALA D 74 15.97 -52.33 -24.72
C ALA D 74 14.69 -52.10 -25.55
N ILE D 75 13.57 -51.97 -24.84
CA ILE D 75 12.30 -51.71 -25.49
C ILE D 75 12.23 -50.28 -26.02
N HIS D 76 12.60 -49.30 -25.20
CA HIS D 76 12.42 -47.90 -25.59
C HIS D 76 13.35 -47.48 -26.77
N LYS D 77 14.56 -48.03 -26.81
CA LYS D 77 15.43 -47.69 -27.94
C LYS D 77 14.87 -48.19 -29.25
N SER D 78 14.11 -49.27 -29.19
CA SER D 78 13.71 -49.99 -30.41
C SER D 78 12.51 -49.33 -31.07
N LEU D 79 12.05 -48.21 -30.54
CA LEU D 79 10.85 -47.57 -31.03
C LEU D 79 11.19 -46.32 -31.82
N ASP D 80 10.33 -45.96 -32.76
CA ASP D 80 10.51 -44.73 -33.50
C ASP D 80 9.19 -44.37 -34.15
N ASN D 81 8.39 -43.58 -33.42
CA ASN D 81 7.09 -43.20 -33.89
C ASN D 81 6.73 -41.77 -33.36
N PRO D 82 6.00 -40.97 -34.18
CA PRO D 82 5.67 -39.59 -33.81
C PRO D 82 4.83 -39.48 -32.56
N HIS D 83 4.28 -40.61 -32.07
CA HIS D 83 3.50 -40.60 -30.85
C HIS D 83 4.14 -41.40 -29.73
N VAL D 84 5.43 -41.65 -29.86
CA VAL D 84 6.19 -42.24 -28.81
C VAL D 84 7.32 -41.25 -28.51
N VAL D 85 7.51 -40.91 -27.21
CA VAL D 85 8.67 -40.11 -26.78
C VAL D 85 9.92 -40.66 -27.47
N GLY D 86 10.54 -39.83 -28.31
CA GLY D 86 11.78 -40.20 -28.99
C GLY D 86 12.90 -40.59 -28.02
N PHE D 87 13.54 -41.71 -28.30
CA PHE D 87 14.75 -42.12 -27.61
C PHE D 87 15.99 -41.67 -28.45
N HIS D 88 16.80 -40.77 -27.90
CA HIS D 88 17.99 -40.25 -28.57
C HIS D 88 19.30 -40.76 -27.96
N GLY D 89 19.28 -41.96 -27.38
CA GLY D 89 20.51 -42.66 -26.96
C GLY D 89 20.62 -42.77 -25.45
N PHE D 90 21.46 -43.69 -25.00
CA PHE D 90 21.72 -43.86 -23.56
C PHE D 90 23.16 -44.24 -23.30
N PHE D 91 23.61 -43.89 -22.10
CA PHE D 91 24.97 -44.20 -21.68
C PHE D 91 25.06 -44.29 -20.17
N GLU D 92 26.29 -44.37 -19.65
CA GLU D 92 26.46 -44.57 -18.21
C GLU D 92 27.88 -44.26 -17.79
N ASP D 93 28.06 -43.78 -16.56
CA ASP D 93 29.37 -43.79 -15.92
C ASP D 93 29.33 -44.79 -14.75
N ASP D 94 30.22 -44.65 -13.78
CA ASP D 94 30.35 -45.61 -12.68
C ASP D 94 29.37 -45.33 -11.54
N ASP D 95 28.41 -44.45 -11.78
CA ASP D 95 27.48 -44.06 -10.76
C ASP D 95 26.06 -43.96 -11.27
N PHE D 96 25.91 -43.62 -12.54
CA PHE D 96 24.60 -43.30 -13.08
C PHE D 96 24.35 -43.96 -14.42
N VAL D 97 23.09 -44.23 -14.68
CA VAL D 97 22.63 -44.56 -16.00
C VAL D 97 21.90 -43.33 -16.51
N TYR D 98 22.30 -42.87 -17.69
CA TYR D 98 21.76 -41.66 -18.30
C TYR D 98 20.95 -42.00 -19.56
N VAL D 99 19.83 -41.34 -19.78
CA VAL D 99 19.05 -41.58 -20.99
C VAL D 99 18.56 -40.27 -21.59
N VAL D 100 18.71 -40.13 -22.90
CA VAL D 100 18.42 -38.86 -23.58
C VAL D 100 17.14 -39.03 -24.40
N LEU D 101 16.11 -38.26 -24.05
CA LEU D 101 14.78 -38.44 -24.58
C LEU D 101 14.24 -37.13 -25.17
N GLU D 102 13.35 -37.26 -26.16
CA GLU D 102 12.57 -36.13 -26.64
C GLU D 102 11.91 -35.36 -25.48
N ILE D 103 12.08 -34.03 -25.44
CA ILE D 103 11.55 -33.24 -24.31
C ILE D 103 10.14 -32.75 -24.62
N CYS D 104 9.23 -32.93 -23.64
CA CYS D 104 7.84 -32.54 -23.83
C CYS D 104 7.51 -31.45 -22.87
N ARG D 105 7.75 -30.22 -23.31
CA ARG D 105 7.71 -29.09 -22.40
C ARG D 105 6.34 -28.84 -21.81
N ARG D 106 5.29 -29.32 -22.45
CA ARG D 106 3.96 -29.06 -21.97
C ARG D 106 3.53 -30.10 -20.97
N ARG D 107 4.48 -30.91 -20.54
CA ARG D 107 4.27 -31.93 -19.53
C ARG D 107 3.31 -33.04 -19.93
N SER D 108 2.27 -33.28 -19.15
CA SER D 108 1.46 -34.45 -19.36
C SER D 108 -0.02 -34.24 -19.28
N LEU D 109 -0.73 -35.24 -19.67
CA LEU D 109 -2.14 -35.21 -19.72
C LEU D 109 -2.72 -35.29 -18.30
N LEU D 110 -1.90 -35.70 -17.35
CA LEU D 110 -2.27 -35.65 -15.95
C LEU D 110 -2.37 -34.20 -15.50
N GLU D 111 -1.39 -33.37 -15.83
CA GLU D 111 -1.51 -31.92 -15.53
C GLU D 111 -2.70 -31.27 -16.20
N LEU D 112 -2.96 -31.67 -17.41
CA LEU D 112 -4.08 -31.14 -18.13
C LEU D 112 -5.36 -31.53 -17.47
N HIS D 113 -5.42 -32.79 -17.07
CA HIS D 113 -6.56 -33.32 -16.35
C HIS D 113 -6.77 -32.57 -15.06
N LYS D 114 -5.70 -32.29 -14.33
CA LYS D 114 -5.81 -31.46 -13.09
C LYS D 114 -6.44 -30.08 -13.32
N ARG D 115 -6.02 -29.38 -14.34
CA ARG D 115 -6.51 -28.01 -14.63
C ARG D 115 -7.88 -28.00 -15.32
N ARG D 116 -8.17 -28.96 -16.20
CA ARG D 116 -9.43 -28.95 -16.97
C ARG D 116 -10.54 -29.80 -16.40
N LYS D 117 -10.16 -30.90 -15.74
CA LYS D 117 -11.08 -31.97 -15.39
C LYS D 117 -11.64 -32.55 -16.70
N ALA D 118 -12.96 -32.68 -16.81
CA ALA D 118 -13.56 -33.20 -18.05
C ALA D 118 -13.27 -32.25 -19.17
N VAL D 119 -12.76 -32.77 -20.28
CA VAL D 119 -12.57 -32.00 -21.51
C VAL D 119 -13.79 -32.19 -22.42
N THR D 120 -13.84 -31.42 -23.50
CA THR D 120 -14.90 -31.52 -24.46
C THR D 120 -14.67 -32.74 -25.32
N GLU D 121 -15.73 -33.25 -25.90
CA GLU D 121 -15.68 -34.49 -26.66
C GLU D 121 -14.70 -34.40 -27.84
N PRO D 122 -14.65 -33.26 -28.55
CA PRO D 122 -13.66 -33.18 -29.65
C PRO D 122 -12.22 -33.26 -29.18
N GLU D 123 -11.95 -32.66 -28.03
CA GLU D 123 -10.59 -32.79 -27.45
C GLU D 123 -10.22 -34.21 -27.05
N ALA D 124 -11.18 -34.87 -26.43
CA ALA D 124 -10.98 -36.25 -26.06
C ALA D 124 -10.71 -37.10 -27.27
N ARG D 125 -11.38 -36.73 -28.36
CA ARG D 125 -11.29 -37.44 -29.62
C ARG D 125 -9.86 -37.31 -30.08
N TYR D 126 -9.31 -36.10 -29.94
CA TYR D 126 -7.99 -35.78 -30.49
C TYR D 126 -6.91 -36.55 -29.72
N PHE D 127 -6.93 -36.33 -28.42
CA PHE D 127 -6.01 -37.01 -27.55
C PHE D 127 -6.04 -38.53 -27.70
N MET D 128 -7.24 -39.11 -27.65
CA MET D 128 -7.39 -40.55 -27.75
C MET D 128 -6.89 -41.05 -29.11
N ARG D 129 -7.17 -40.31 -30.18
CA ARG D 129 -6.73 -40.72 -31.51
C ARG D 129 -5.22 -40.87 -31.57
N GLN D 130 -4.52 -39.83 -31.18
CA GLN D 130 -3.06 -39.87 -31.19
C GLN D 130 -2.45 -40.94 -30.28
N THR D 131 -3.00 -41.06 -29.08
CA THR D 131 -2.55 -42.06 -28.11
C THR D 131 -2.69 -43.48 -28.72
N ILE D 132 -3.87 -43.72 -29.28
CA ILE D 132 -4.17 -44.99 -29.92
C ILE D 132 -3.23 -45.26 -31.08
N GLN D 133 -2.95 -44.27 -31.93
CA GLN D 133 -1.94 -44.45 -32.97
C GLN D 133 -0.65 -44.93 -32.35
N GLY D 134 -0.23 -44.33 -31.27
CA GLY D 134 0.98 -44.80 -30.60
C GLY D 134 0.91 -46.24 -30.10
N VAL D 135 -0.19 -46.61 -29.47
CA VAL D 135 -0.35 -47.92 -28.88
C VAL D 135 -0.39 -48.96 -29.96
N GLN D 136 -1.13 -48.68 -31.01
CA GLN D 136 -1.15 -49.61 -32.12
C GLN D 136 0.21 -49.73 -32.83
N TYR D 137 1.02 -48.69 -32.83
CA TYR D 137 2.41 -48.83 -33.18
C TYR D 137 3.08 -49.88 -32.26
N LEU D 138 2.94 -49.68 -30.95
CA LEU D 138 3.53 -50.57 -29.93
C LEU D 138 3.10 -52.01 -30.17
N HIS D 139 1.80 -52.18 -30.39
CA HIS D 139 1.21 -53.49 -30.57
C HIS D 139 1.68 -54.16 -31.87
N ASN D 140 1.67 -53.41 -32.96
CA ASN D 140 2.25 -53.83 -34.23
C ASN D 140 3.74 -54.25 -34.17
N ASN D 141 4.44 -53.89 -33.10
CA ASN D 141 5.79 -54.41 -32.82
C ASN D 141 5.84 -55.37 -31.63
N ARG D 142 4.68 -55.93 -31.28
CA ARG D 142 4.54 -56.88 -30.20
C ARG D 142 4.99 -56.34 -28.85
N VAL D 143 4.79 -55.04 -28.64
CA VAL D 143 5.06 -54.44 -27.34
C VAL D 143 3.77 -54.17 -26.55
N ILE D 144 3.74 -54.59 -25.29
CA ILE D 144 2.69 -54.19 -24.38
C ILE D 144 3.27 -53.20 -23.39
N HIS D 145 2.72 -52.00 -23.35
CA HIS D 145 3.20 -50.97 -22.42
C HIS D 145 2.87 -51.33 -20.97
N ARG D 146 1.60 -51.68 -20.69
CA ARG D 146 1.24 -52.20 -19.35
C ARG D 146 1.13 -51.17 -18.23
N ASN D 147 1.26 -49.90 -18.54
CA ASN D 147 1.18 -48.88 -17.52
C ASN D 147 0.65 -47.58 -18.07
N LEU D 148 -0.24 -47.65 -19.05
CA LEU D 148 -0.66 -46.43 -19.68
C LEU D 148 -1.55 -45.59 -18.74
N LYS D 149 -1.29 -44.27 -18.69
CA LYS D 149 -1.98 -43.35 -17.75
C LYS D 149 -1.78 -41.94 -18.20
N LEU D 150 -2.58 -41.02 -17.70
CA LEU D 150 -2.50 -39.63 -18.08
C LEU D 150 -1.07 -39.09 -17.86
N GLY D 151 -0.45 -39.56 -16.77
CA GLY D 151 0.93 -39.23 -16.42
C GLY D 151 2.05 -39.61 -17.39
N ASN D 152 1.84 -40.58 -18.28
CA ASN D 152 2.87 -40.89 -19.27
C ASN D 152 2.42 -40.71 -20.72
N LEU D 153 1.36 -39.93 -20.84
CA LEU D 153 0.99 -39.32 -22.11
C LEU D 153 1.48 -37.86 -22.13
N PHE D 154 2.70 -37.69 -22.62
CA PHE D 154 3.37 -36.39 -22.64
C PHE D 154 2.88 -35.50 -23.80
N LEU D 155 2.95 -34.18 -23.61
CA LEU D 155 2.55 -33.24 -24.61
C LEU D 155 3.70 -32.28 -25.00
N ASN D 156 4.01 -32.22 -26.30
CA ASN D 156 5.05 -31.29 -26.78
C ASN D 156 4.45 -29.93 -27.15
N ASP D 157 5.30 -28.99 -27.57
CA ASP D 157 4.84 -27.63 -27.86
C ASP D 157 3.84 -27.50 -29.01
N ASP D 158 3.65 -28.57 -29.75
CA ASP D 158 2.62 -28.59 -30.80
C ASP D 158 1.36 -29.26 -30.31
N MET D 159 1.34 -29.59 -29.01
CA MET D 159 0.22 -30.24 -28.41
C MET D 159 -0.04 -31.63 -29.02
N ASP D 160 0.97 -32.32 -29.52
CA ASP D 160 0.76 -33.71 -29.91
C ASP D 160 1.31 -34.68 -28.87
N VAL D 161 0.60 -35.80 -28.68
CA VAL D 161 0.84 -36.72 -27.57
C VAL D 161 2.08 -37.58 -27.81
N LYS D 162 2.85 -37.87 -26.77
CA LYS D 162 3.91 -38.86 -26.86
C LYS D 162 3.85 -39.81 -25.76
N ILE D 163 3.77 -41.10 -26.07
CA ILE D 163 3.73 -42.12 -25.03
C ILE D 163 5.11 -42.38 -24.44
N GLY D 164 5.17 -42.42 -23.12
CA GLY D 164 6.45 -42.29 -22.48
C GLY D 164 7.03 -43.19 -21.43
N ASP D 165 6.38 -44.14 -20.85
CA ASP D 165 7.12 -44.66 -19.72
C ASP D 165 7.11 -46.16 -19.76
N PHE D 166 8.29 -46.74 -19.98
CA PHE D 166 8.38 -48.16 -20.33
C PHE D 166 8.90 -49.02 -19.20
N GLY D 167 8.80 -48.50 -17.99
CA GLY D 167 9.21 -49.23 -16.80
C GLY D 167 8.61 -50.61 -16.69
N LEU D 168 7.33 -50.76 -17.08
CA LEU D 168 6.64 -52.04 -16.97
C LEU D 168 6.43 -52.79 -18.28
N ALA D 169 6.91 -52.22 -19.38
CA ALA D 169 6.61 -52.72 -20.72
C ALA D 169 7.29 -54.03 -21.00
N THR D 170 6.73 -54.77 -21.94
CA THR D 170 7.31 -56.02 -22.35
C THR D 170 7.03 -56.26 -23.83
N LYS D 171 7.88 -57.05 -24.46
CA LYS D 171 7.69 -57.44 -25.83
C LYS D 171 7.51 -58.95 -25.87
N ILE D 172 6.32 -59.43 -26.24
CA ILE D 172 6.08 -60.87 -26.33
C ILE D 172 6.71 -61.45 -27.62
N GLY D 184 5.25 -55.08 -11.93
CA GLY D 184 4.96 -54.21 -10.79
C GLY D 184 3.48 -53.87 -10.58
N THR D 185 3.19 -52.58 -10.48
CA THR D 185 1.83 -52.12 -10.24
C THR D 185 1.41 -50.98 -11.22
N PRO D 186 0.62 -51.35 -12.26
CA PRO D 186 0.04 -50.41 -13.24
C PRO D 186 -0.95 -49.48 -12.60
N ASN D 187 -1.31 -48.43 -13.33
CA ASN D 187 -2.26 -47.43 -12.82
C ASN D 187 -3.71 -47.90 -12.92
N TYR D 188 -4.07 -48.28 -14.13
CA TYR D 188 -5.37 -48.84 -14.46
C TYR D 188 -5.27 -50.37 -14.60
N ILE D 189 -5.34 -51.10 -13.50
CA ILE D 189 -4.98 -52.53 -13.56
C ILE D 189 -6.12 -53.35 -14.11
N ALA D 190 -5.86 -54.07 -15.21
CA ALA D 190 -6.89 -54.87 -15.87
C ALA D 190 -7.37 -56.01 -14.99
N PRO D 191 -8.64 -56.40 -15.11
CA PRO D 191 -9.21 -57.44 -14.25
C PRO D 191 -8.51 -58.79 -14.40
N GLU D 192 -8.17 -59.18 -15.61
CA GLU D 192 -7.42 -60.41 -15.80
C GLU D 192 -6.09 -60.46 -15.01
N VAL D 193 -5.42 -59.31 -14.89
CA VAL D 193 -4.20 -59.22 -14.05
C VAL D 193 -4.56 -59.31 -12.58
N LEU D 194 -5.57 -58.57 -12.17
CA LEU D 194 -6.04 -58.67 -10.79
C LEU D 194 -6.45 -60.08 -10.45
N CYS D 195 -7.00 -60.80 -11.42
CA CYS D 195 -7.48 -62.19 -11.19
C CYS D 195 -6.42 -63.27 -11.43
N LYS D 196 -5.18 -62.84 -11.72
CA LYS D 196 -4.04 -63.75 -11.96
C LYS D 196 -4.32 -64.72 -13.10
N LYS D 197 -4.94 -64.20 -14.16
CA LYS D 197 -5.50 -65.06 -15.22
C LYS D 197 -4.56 -65.20 -16.42
N GLY D 198 -3.47 -64.44 -16.42
CA GLY D 198 -2.66 -64.35 -17.61
C GLY D 198 -3.20 -63.24 -18.46
N HIS D 199 -2.29 -62.47 -19.04
CA HIS D 199 -2.64 -61.26 -19.73
C HIS D 199 -1.83 -61.03 -21.00
N SER D 200 -2.33 -60.12 -21.83
CA SER D 200 -1.74 -59.83 -23.11
C SER D 200 -2.00 -58.42 -23.51
N PHE D 201 -2.03 -58.20 -24.82
CA PHE D 201 -2.16 -56.88 -25.37
C PHE D 201 -3.38 -56.17 -24.85
N GLU D 202 -4.44 -56.92 -24.61
CA GLU D 202 -5.72 -56.32 -24.23
C GLU D 202 -5.65 -55.42 -22.97
N VAL D 203 -4.63 -55.59 -22.12
CA VAL D 203 -4.48 -54.74 -20.94
C VAL D 203 -4.39 -53.24 -21.30
N ASP D 204 -3.61 -52.93 -22.33
CA ASP D 204 -3.47 -51.53 -22.74
C ASP D 204 -4.80 -50.96 -23.19
N ILE D 205 -5.61 -51.80 -23.81
CA ILE D 205 -6.92 -51.41 -24.24
C ILE D 205 -7.74 -50.98 -23.04
N TRP D 206 -7.68 -51.78 -22.00
CA TRP D 206 -8.40 -51.50 -20.78
C TRP D 206 -7.97 -50.13 -20.29
N SER D 207 -6.66 -49.94 -20.23
CA SER D 207 -6.14 -48.66 -19.76
C SER D 207 -6.63 -47.51 -20.64
N LEU D 208 -6.61 -47.70 -21.94
CA LEU D 208 -7.06 -46.67 -22.87
C LEU D 208 -8.52 -46.29 -22.51
N GLY D 209 -9.31 -47.31 -22.22
CA GLY D 209 -10.67 -47.15 -21.77
C GLY D 209 -10.75 -46.33 -20.51
N CYS D 210 -9.90 -46.67 -19.54
CA CYS D 210 -9.87 -45.96 -18.29
C CYS D 210 -9.51 -44.49 -18.48
N ILE D 211 -8.69 -44.25 -19.49
CA ILE D 211 -8.27 -42.92 -19.77
C ILE D 211 -9.38 -42.16 -20.45
N LEU D 212 -10.11 -42.84 -21.33
CA LEU D 212 -11.15 -42.16 -22.08
C LEU D 212 -12.29 -41.77 -21.17
N TYR D 213 -12.56 -42.60 -20.18
CA TYR D 213 -13.57 -42.29 -19.20
C TYR D 213 -13.14 -41.01 -18.48
N THR D 214 -11.88 -41.03 -18.05
CA THR D 214 -11.36 -39.97 -17.20
C THR D 214 -11.42 -38.62 -17.95
N LEU D 215 -10.98 -38.65 -19.21
CA LEU D 215 -11.06 -37.45 -20.04
C LEU D 215 -12.47 -36.84 -20.17
N LEU D 216 -13.49 -37.68 -20.29
CA LEU D 216 -14.83 -37.20 -20.56
C LEU D 216 -15.67 -36.99 -19.30
N VAL D 217 -15.38 -37.75 -18.25
CA VAL D 217 -16.16 -37.68 -17.01
C VAL D 217 -15.49 -36.78 -16.01
N GLY D 218 -14.17 -36.76 -16.04
CA GLY D 218 -13.38 -35.88 -15.17
C GLY D 218 -12.90 -36.57 -13.92
N LYS D 219 -13.24 -37.84 -13.76
CA LYS D 219 -12.73 -38.65 -12.66
C LYS D 219 -12.45 -40.09 -13.11
N PRO D 220 -11.59 -40.82 -12.38
CA PRO D 220 -11.34 -42.20 -12.73
C PRO D 220 -12.57 -43.07 -12.57
N PRO D 221 -12.78 -44.01 -13.48
CA PRO D 221 -13.87 -44.97 -13.44
C PRO D 221 -13.94 -45.77 -12.15
N PHE D 222 -12.83 -46.30 -11.69
CA PHE D 222 -12.90 -47.24 -10.57
C PHE D 222 -12.40 -46.65 -9.28
N GLU D 223 -11.49 -45.70 -9.36
CA GLU D 223 -10.67 -45.35 -8.21
C GLU D 223 -11.48 -44.61 -7.18
N THR D 224 -11.12 -44.90 -5.94
CA THR D 224 -11.86 -44.48 -4.80
C THR D 224 -10.81 -44.45 -3.71
N SER D 225 -11.20 -43.98 -2.53
CA SER D 225 -10.24 -43.83 -1.44
C SER D 225 -9.63 -45.15 -0.98
N CYS D 226 -10.23 -46.27 -1.35
CA CYS D 226 -9.78 -47.55 -0.84
C CYS D 226 -9.30 -48.51 -1.95
N LEU D 227 -8.05 -48.92 -1.85
CA LEU D 227 -7.47 -49.75 -2.90
C LEU D 227 -8.19 -51.12 -2.98
N LYS D 228 -8.62 -51.63 -1.82
CA LYS D 228 -9.35 -52.89 -1.79
C LYS D 228 -10.68 -52.79 -2.50
N GLU D 229 -11.45 -51.74 -2.17
CA GLU D 229 -12.75 -51.50 -2.82
C GLU D 229 -12.60 -51.22 -4.34
N THR D 230 -11.52 -50.53 -4.74
CA THR D 230 -11.19 -50.31 -6.15
C THR D 230 -10.93 -51.64 -6.87
N TYR D 231 -10.09 -52.47 -6.27
CA TYR D 231 -9.78 -53.79 -6.80
C TYR D 231 -10.99 -54.68 -6.95
N ILE D 232 -11.85 -54.66 -5.94
CA ILE D 232 -13.10 -55.42 -5.99
C ILE D 232 -13.97 -54.93 -7.16
N ARG D 233 -14.11 -53.62 -7.25
CA ARG D 233 -14.84 -52.95 -8.34
C ARG D 233 -14.33 -53.31 -9.72
N ILE D 234 -13.01 -53.38 -9.85
CA ILE D 234 -12.42 -53.78 -11.14
C ILE D 234 -12.80 -55.25 -11.46
N LYS D 235 -12.59 -56.13 -10.48
CA LYS D 235 -12.91 -57.55 -10.61
C LYS D 235 -14.36 -57.76 -11.01
N LYS D 236 -15.26 -57.02 -10.37
CA LYS D 236 -16.68 -57.15 -10.65
C LYS D 236 -17.08 -56.35 -11.90
N ASN D 237 -16.12 -55.68 -12.54
CA ASN D 237 -16.41 -54.81 -13.69
C ASN D 237 -17.44 -53.76 -13.30
N GLU D 238 -17.32 -53.24 -12.08
CA GLU D 238 -18.38 -52.41 -11.49
C GLU D 238 -17.96 -50.94 -11.55
N TYR D 239 -18.46 -50.26 -12.58
CA TYR D 239 -18.23 -48.85 -12.78
C TYR D 239 -19.52 -48.36 -13.37
N SER D 240 -19.62 -47.06 -13.58
CA SER D 240 -20.84 -46.51 -14.17
C SER D 240 -20.57 -45.26 -14.96
N VAL D 241 -20.77 -45.37 -16.27
CA VAL D 241 -20.74 -44.21 -17.15
C VAL D 241 -21.92 -43.29 -16.83
N PRO D 242 -21.65 -42.06 -16.38
CA PRO D 242 -22.73 -41.14 -16.05
C PRO D 242 -23.65 -40.82 -17.23
N ARG D 243 -24.86 -40.36 -16.91
CA ARG D 243 -25.94 -40.30 -17.86
C ARG D 243 -25.73 -39.21 -18.90
N HIS D 244 -24.98 -38.17 -18.56
CA HIS D 244 -24.73 -37.05 -19.50
C HIS D 244 -23.72 -37.33 -20.62
N ILE D 245 -22.93 -38.36 -20.50
CA ILE D 245 -21.99 -38.72 -21.59
C ILE D 245 -22.83 -39.17 -22.78
N ASN D 246 -22.50 -38.68 -23.98
CA ASN D 246 -23.33 -39.03 -25.15
C ASN D 246 -23.28 -40.56 -25.42
N PRO D 247 -24.27 -41.11 -26.15
CA PRO D 247 -24.44 -42.57 -26.06
C PRO D 247 -23.33 -43.40 -26.72
N VAL D 248 -22.75 -42.83 -27.78
CA VAL D 248 -21.71 -43.46 -28.56
C VAL D 248 -20.45 -43.64 -27.74
N ALA D 249 -20.02 -42.56 -27.09
CA ALA D 249 -18.83 -42.60 -26.26
C ALA D 249 -19.01 -43.64 -25.18
N SER D 250 -20.22 -43.75 -24.67
CA SER D 250 -20.53 -44.69 -23.59
C SER D 250 -20.38 -46.10 -24.10
N ALA D 251 -20.86 -46.35 -25.32
CA ALA D 251 -20.71 -47.66 -25.95
C ALA D 251 -19.24 -48.06 -26.13
N LEU D 252 -18.43 -47.15 -26.66
CA LEU D 252 -17.00 -47.40 -26.81
C LEU D 252 -16.30 -47.66 -25.47
N ILE D 253 -16.66 -46.90 -24.44
CA ILE D 253 -16.07 -47.10 -23.12
C ILE D 253 -16.41 -48.48 -22.59
N ARG D 254 -17.67 -48.85 -22.73
CA ARG D 254 -18.12 -50.16 -22.24
C ARG D 254 -17.40 -51.30 -22.96
N ARG D 255 -17.25 -51.16 -24.27
CA ARG D 255 -16.46 -52.14 -25.06
C ARG D 255 -15.03 -52.25 -24.58
N MET D 256 -14.41 -51.11 -24.28
CA MET D 256 -13.01 -51.08 -23.89
C MET D 256 -12.78 -51.58 -22.46
N LEU D 257 -13.78 -51.42 -21.58
CA LEU D 257 -13.68 -51.90 -20.20
C LEU D 257 -14.37 -53.25 -20.06
N HIS D 258 -14.48 -53.98 -21.16
CA HIS D 258 -15.18 -55.27 -21.18
C HIS D 258 -14.48 -56.21 -20.21
N ALA D 259 -15.27 -56.93 -19.42
CA ALA D 259 -14.69 -57.87 -18.47
C ALA D 259 -13.81 -58.92 -19.15
N ASP D 260 -14.17 -59.30 -20.38
CA ASP D 260 -13.53 -60.36 -21.11
C ASP D 260 -12.57 -59.78 -22.16
N PRO D 261 -11.25 -59.95 -21.95
CA PRO D 261 -10.24 -59.36 -22.81
C PRO D 261 -10.44 -59.74 -24.26
N THR D 262 -10.93 -60.95 -24.51
CA THR D 262 -11.20 -61.40 -25.89
C THR D 262 -12.23 -60.52 -26.61
N LEU D 263 -13.17 -59.99 -25.84
CA LEU D 263 -14.25 -59.18 -26.40
C LEU D 263 -13.91 -57.70 -26.47
N ARG D 264 -12.85 -57.27 -25.77
CA ARG D 264 -12.37 -55.89 -25.90
C ARG D 264 -11.90 -55.71 -27.33
N PRO D 265 -12.01 -54.48 -27.87
CA PRO D 265 -11.69 -54.36 -29.28
C PRO D 265 -10.21 -54.51 -29.50
N SER D 266 -9.83 -54.93 -30.71
CA SER D 266 -8.46 -54.76 -31.14
C SER D 266 -8.20 -53.30 -31.17
N VAL D 267 -6.95 -52.91 -30.94
CA VAL D 267 -6.54 -51.52 -31.10
C VAL D 267 -6.84 -51.05 -32.52
N ALA D 268 -6.81 -52.00 -33.47
CA ALA D 268 -7.04 -51.69 -34.87
C ALA D 268 -8.49 -51.18 -35.10
N GLU D 269 -9.46 -51.77 -34.42
CA GLU D 269 -10.86 -51.37 -34.61
C GLU D 269 -11.27 -50.17 -33.75
N LEU D 270 -10.35 -49.67 -32.92
CA LEU D 270 -10.64 -48.51 -32.07
C LEU D 270 -10.92 -47.28 -32.90
N LEU D 271 -9.97 -46.92 -33.75
CA LEU D 271 -10.04 -45.70 -34.59
C LEU D 271 -11.33 -45.58 -35.42
N THR D 272 -11.91 -46.71 -35.79
CA THR D 272 -13.08 -46.68 -36.64
C THR D 272 -14.38 -46.71 -35.83
N ASP D 273 -14.28 -46.62 -34.50
CA ASP D 273 -15.50 -46.66 -33.69
C ASP D 273 -16.32 -45.42 -34.05
N GLU D 274 -17.64 -45.49 -33.86
CA GLU D 274 -18.52 -44.40 -34.24
C GLU D 274 -18.20 -43.12 -33.46
N PHE D 275 -17.54 -43.27 -32.32
CA PHE D 275 -17.07 -42.13 -31.55
C PHE D 275 -16.13 -41.22 -32.36
N PHE D 276 -15.27 -41.84 -33.18
CA PHE D 276 -14.26 -41.09 -33.93
C PHE D 276 -14.74 -40.67 -35.30
N THR D 277 -15.78 -41.32 -35.81
CA THR D 277 -16.34 -40.98 -37.12
C THR D 277 -17.53 -40.04 -37.03
N SER D 278 -17.99 -39.77 -35.81
CA SER D 278 -19.13 -38.88 -35.58
C SER D 278 -18.70 -37.70 -34.72
N GLY D 279 -19.33 -36.57 -34.93
CA GLY D 279 -18.97 -35.36 -34.22
C GLY D 279 -17.62 -34.79 -34.65
N TYR D 280 -17.41 -33.54 -34.30
CA TYR D 280 -16.23 -32.80 -34.67
C TYR D 280 -14.99 -33.48 -34.15
N ALA D 281 -14.00 -33.56 -35.05
CA ALA D 281 -12.73 -34.19 -34.76
C ALA D 281 -11.61 -33.26 -35.21
N PRO D 282 -11.18 -32.32 -34.34
CA PRO D 282 -10.06 -31.47 -34.75
C PRO D 282 -8.76 -32.25 -34.77
N MET D 283 -7.94 -31.93 -35.77
CA MET D 283 -6.70 -32.60 -36.04
C MET D 283 -5.57 -31.93 -35.28
N ARG D 284 -5.75 -30.67 -34.87
CA ARG D 284 -4.75 -29.98 -34.01
C ARG D 284 -5.42 -29.20 -32.88
N LEU D 285 -4.68 -29.01 -31.80
CA LEU D 285 -5.17 -28.32 -30.61
C LEU D 285 -4.20 -27.24 -30.20
N PRO D 286 -4.71 -26.09 -29.79
CA PRO D 286 -3.84 -25.04 -29.28
C PRO D 286 -3.49 -25.31 -27.82
N THR D 287 -2.39 -24.71 -27.40
CA THR D 287 -1.86 -24.82 -26.07
C THR D 287 -2.79 -24.21 -25.04
N SER D 288 -3.67 -23.29 -25.42
CA SER D 288 -4.66 -22.74 -24.46
C SER D 288 -5.53 -23.82 -23.79
N CYS D 289 -5.76 -24.93 -24.49
CA CYS D 289 -6.49 -26.08 -23.99
C CYS D 289 -5.83 -26.78 -22.83
N LEU D 290 -4.53 -26.56 -22.66
CA LEU D 290 -3.80 -27.06 -21.51
C LEU D 290 -4.36 -26.56 -20.18
N THR D 291 -5.03 -25.41 -20.18
CA THR D 291 -5.52 -24.77 -18.97
C THR D 291 -6.99 -24.36 -19.03
N VAL D 292 -7.56 -24.10 -20.23
CA VAL D 292 -8.96 -23.67 -20.32
C VAL D 292 -9.68 -24.27 -21.56
N PRO D 293 -11.02 -24.39 -21.48
CA PRO D 293 -11.83 -24.95 -22.53
C PRO D 293 -11.79 -24.12 -23.80
N PRO D 294 -11.63 -24.77 -24.95
CA PRO D 294 -11.51 -24.13 -26.25
C PRO D 294 -12.73 -23.41 -26.83
N ARG D 295 -12.44 -22.66 -27.85
CA ARG D 295 -13.41 -21.88 -28.59
C ARG D 295 -14.06 -22.76 -29.63
N PHE D 296 -15.38 -22.81 -29.63
CA PHE D 296 -16.10 -23.32 -30.80
C PHE D 296 -16.89 -22.17 -31.42
N THR E 5 -14.78 -20.33 -6.46
CA THR E 5 -14.09 -21.56 -5.98
C THR E 5 -12.58 -21.35 -5.83
N HIS E 6 -12.02 -20.78 -6.87
CA HIS E 6 -10.60 -20.72 -6.97
C HIS E 6 -9.96 -20.00 -5.80
N LEU E 7 -10.47 -18.84 -5.44
CA LEU E 7 -9.89 -18.05 -4.42
C LEU E 7 -10.13 -18.70 -3.09
N THR E 8 -11.33 -19.23 -2.83
CA THR E 8 -11.52 -19.94 -1.59
C THR E 8 -10.52 -21.09 -1.46
N ASP E 9 -10.42 -21.91 -2.49
CA ASP E 9 -9.49 -23.06 -2.44
C ASP E 9 -8.08 -22.61 -2.21
N MET E 10 -7.68 -21.53 -2.89
CA MET E 10 -6.34 -20.99 -2.70
C MET E 10 -6.08 -20.49 -1.31
N LEU E 11 -7.07 -19.82 -0.71
CA LEU E 11 -6.95 -19.31 0.64
C LEU E 11 -6.77 -20.44 1.66
N GLN E 12 -7.54 -21.50 1.49
CA GLN E 12 -7.43 -22.67 2.29
C GLN E 12 -6.05 -23.37 2.11
N GLN E 13 -5.59 -23.51 0.89
CA GLN E 13 -4.29 -24.15 0.67
C GLN E 13 -3.12 -23.35 1.32
N LEU E 14 -3.22 -22.02 1.20
CA LEU E 14 -2.28 -21.10 1.85
C LEU E 14 -2.32 -21.21 3.36
N ALA E 15 -3.51 -21.25 3.92
CA ALA E 15 -3.61 -21.35 5.39
C ALA E 15 -3.03 -22.66 5.93
N VAL E 16 -3.26 -23.75 5.21
CA VAL E 16 -2.71 -25.03 5.60
C VAL E 16 -1.18 -25.00 5.58
N VAL E 17 -0.62 -24.56 4.44
CA VAL E 17 0.83 -24.55 4.36
C VAL E 17 1.44 -23.60 5.39
N ASN E 18 0.84 -22.43 5.58
CA ASN E 18 1.39 -21.48 6.56
C ASN E 18 1.22 -21.94 8.00
N ALA E 19 0.19 -22.75 8.25
CA ALA E 19 -0.06 -23.20 9.59
C ALA E 19 1.01 -24.23 9.94
N ALA E 20 1.54 -24.92 8.95
CA ALA E 20 2.57 -25.91 9.22
C ALA E 20 3.93 -25.27 9.56
N LYS E 21 4.10 -23.96 9.41
CA LYS E 21 5.37 -23.28 9.71
C LYS E 21 6.57 -23.94 9.03
N PRO E 22 6.60 -23.96 7.67
CA PRO E 22 7.63 -24.65 6.91
C PRO E 22 9.04 -24.13 7.17
N SER E 23 9.19 -22.86 7.52
CA SER E 23 10.52 -22.30 7.74
C SER E 23 11.04 -22.60 9.15
N ASP E 24 10.18 -23.05 10.06
CA ASP E 24 10.58 -23.36 11.46
C ASP E 24 10.97 -24.81 11.63
N ARG E 25 10.88 -25.62 10.58
CA ARG E 25 11.26 -27.04 10.61
C ARG E 25 12.70 -27.24 11.05
N GLY E 26 12.99 -28.45 11.48
CA GLY E 26 14.34 -28.90 11.76
C GLY E 26 15.16 -29.14 10.50
N PHE E 27 14.70 -29.99 9.58
CA PHE E 27 15.59 -30.45 8.52
C PHE E 27 15.12 -29.99 7.16
N ILE E 28 15.26 -28.70 6.90
CA ILE E 28 14.64 -28.10 5.72
C ILE E 28 15.25 -28.65 4.42
N ARG E 29 14.37 -29.15 3.57
CA ARG E 29 14.79 -29.70 2.29
C ARG E 29 13.84 -29.15 1.26
N GLN E 30 13.98 -27.85 0.98
CA GLN E 30 13.09 -27.14 0.04
C GLN E 30 13.20 -27.72 -1.39
N GLU E 31 14.36 -28.19 -1.77
CA GLU E 31 14.54 -28.72 -3.11
C GLU E 31 13.66 -29.99 -3.30
N GLU E 32 13.31 -30.68 -2.22
CA GLU E 32 12.38 -31.80 -2.29
C GLU E 32 10.96 -31.36 -2.55
N ALA E 33 10.63 -30.12 -2.26
CA ALA E 33 9.28 -29.65 -2.60
C ALA E 33 9.12 -29.18 -4.04
N GLU E 34 10.19 -29.17 -4.84
CA GLU E 34 10.05 -28.73 -6.24
C GLU E 34 9.16 -29.70 -7.04
N ASP E 35 8.23 -29.17 -7.84
CA ASP E 35 7.46 -29.98 -8.77
C ASP E 35 7.32 -29.23 -10.09
N PRO E 36 8.32 -29.33 -10.97
CA PRO E 36 8.33 -28.57 -12.18
C PRO E 36 7.14 -28.83 -13.09
N ALA E 37 6.50 -29.99 -12.96
CA ALA E 37 5.32 -30.31 -13.76
C ALA E 37 4.13 -29.36 -13.53
N CYS E 38 4.08 -28.71 -12.38
CA CYS E 38 3.06 -27.71 -12.14
C CYS E 38 3.41 -26.31 -12.62
N ILE E 39 4.47 -26.12 -13.40
CA ILE E 39 4.79 -24.79 -13.95
C ILE E 39 3.55 -24.19 -14.66
N PRO E 40 3.33 -22.87 -14.51
CA PRO E 40 2.15 -22.22 -15.03
C PRO E 40 2.20 -22.21 -16.49
N VAL E 41 1.02 -22.31 -17.09
CA VAL E 41 0.90 -22.27 -18.52
C VAL E 41 1.07 -20.84 -18.97
N PHE E 42 0.31 -19.93 -18.36
CA PHE E 42 0.33 -18.50 -18.65
C PHE E 42 0.60 -17.73 -17.41
N TRP E 43 1.22 -16.58 -17.62
CA TRP E 43 1.39 -15.62 -16.56
C TRP E 43 1.48 -14.23 -17.20
N ILE E 44 1.35 -13.19 -16.40
CA ILE E 44 1.33 -11.83 -16.89
C ILE E 44 2.75 -11.32 -16.95
N SER E 45 3.23 -11.16 -18.13
CA SER E 45 4.58 -10.67 -18.32
C SER E 45 4.65 -9.13 -18.33
N LYS E 46 3.55 -8.42 -18.62
CA LYS E 46 3.57 -6.95 -18.70
C LYS E 46 2.23 -6.39 -18.45
N TRP E 47 2.21 -5.16 -17.94
CA TRP E 47 0.97 -4.51 -17.52
C TRP E 47 1.14 -2.99 -17.44
N VAL E 48 0.02 -2.28 -17.67
CA VAL E 48 0.01 -0.86 -17.58
C VAL E 48 -1.26 -0.49 -16.89
N ASP E 49 -1.17 0.19 -15.74
CA ASP E 49 -2.35 0.65 -15.02
C ASP E 49 -2.74 2.04 -15.52
N TYR E 50 -3.67 2.06 -16.47
CA TYR E 50 -4.27 3.30 -16.98
C TYR E 50 -5.72 3.38 -16.50
N SER E 51 -5.95 2.93 -15.26
CA SER E 51 -7.31 2.77 -14.72
C SER E 51 -7.96 4.08 -14.32
N ASP E 52 -7.19 5.16 -14.32
CA ASP E 52 -7.75 6.47 -14.07
C ASP E 52 -8.56 6.95 -15.26
N LYS E 53 -8.42 6.27 -16.40
CA LYS E 53 -9.10 6.70 -17.60
C LYS E 53 -9.74 5.56 -18.38
N TYR E 54 -8.99 4.51 -18.67
CA TYR E 54 -9.45 3.44 -19.56
C TYR E 54 -9.66 2.13 -18.82
N GLY E 55 -8.61 1.75 -18.11
CA GLY E 55 -8.51 0.45 -17.41
C GLY E 55 -7.09 -0.05 -17.41
N LEU E 56 -6.94 -1.36 -17.21
CA LEU E 56 -5.62 -1.94 -16.98
C LEU E 56 -5.30 -2.86 -18.12
N GLY E 57 -4.17 -2.60 -18.80
CA GLY E 57 -3.79 -3.38 -19.97
C GLY E 57 -2.67 -4.31 -19.59
N TYR E 58 -2.64 -5.48 -20.19
CA TYR E 58 -1.66 -6.45 -19.84
C TYR E 58 -1.30 -7.40 -21.00
N GLN E 59 -0.14 -8.03 -20.85
CA GLN E 59 0.30 -9.01 -21.79
C GLN E 59 0.67 -10.29 -21.08
N LEU E 60 0.08 -11.37 -21.56
CA LEU E 60 0.39 -12.70 -21.11
C LEU E 60 1.71 -13.20 -21.71
N SER E 61 2.19 -14.29 -21.13
CA SER E 61 3.46 -14.90 -21.51
C SER E 61 3.55 -15.47 -22.92
N ASP E 62 2.41 -15.74 -23.57
CA ASP E 62 2.32 -16.17 -25.00
C ASP E 62 2.14 -15.00 -25.96
N ASN E 63 2.31 -13.79 -25.45
CA ASN E 63 2.21 -12.55 -26.24
C ASN E 63 0.83 -12.17 -26.69
N SER E 64 -0.19 -12.83 -26.16
CA SER E 64 -1.54 -12.35 -26.26
C SER E 64 -1.65 -11.15 -25.35
N VAL E 65 -2.58 -10.24 -25.65
CA VAL E 65 -2.76 -9.06 -24.83
C VAL E 65 -4.18 -8.97 -24.40
N GLY E 66 -4.45 -8.15 -23.40
CA GLY E 66 -5.78 -8.01 -22.88
C GLY E 66 -5.90 -6.68 -22.20
N VAL E 67 -7.16 -6.24 -22.02
CA VAL E 67 -7.45 -5.03 -21.28
C VAL E 67 -8.71 -5.24 -20.45
N LEU E 68 -8.66 -4.91 -19.17
CA LEU E 68 -9.86 -4.92 -18.34
C LEU E 68 -10.34 -3.47 -18.16
N PHE E 69 -11.41 -3.14 -18.87
CA PHE E 69 -11.88 -1.77 -18.93
C PHE E 69 -12.66 -1.37 -17.67
N ASN E 70 -12.79 -0.07 -17.48
CA ASN E 70 -13.42 0.48 -16.32
C ASN E 70 -14.91 0.20 -16.24
N ASP E 71 -15.53 -0.19 -17.36
CA ASP E 71 -16.96 -0.54 -17.38
C ASP E 71 -17.20 -2.03 -17.10
N SER E 72 -16.25 -2.66 -16.40
CA SER E 72 -16.26 -4.09 -16.14
C SER E 72 -16.33 -4.98 -17.39
N THR E 73 -15.75 -4.57 -18.50
CA THR E 73 -15.72 -5.45 -19.65
C THR E 73 -14.26 -5.85 -19.95
N ARG E 74 -14.06 -7.00 -20.61
CA ARG E 74 -12.72 -7.43 -21.00
C ARG E 74 -12.60 -7.67 -22.48
N LEU E 75 -11.55 -7.13 -23.07
CA LEU E 75 -11.21 -7.42 -24.45
C LEU E 75 -9.81 -8.03 -24.53
N ILE E 76 -9.73 -9.18 -25.19
CA ILE E 76 -8.49 -9.94 -25.30
C ILE E 76 -8.12 -10.12 -26.73
N MET E 77 -6.85 -9.91 -27.06
CA MET E 77 -6.36 -10.21 -28.43
C MET E 77 -5.29 -11.29 -28.39
N CYS E 78 -5.46 -12.33 -29.19
CA CYS E 78 -4.49 -13.43 -29.28
C CYS E 78 -3.21 -12.98 -29.93
N ALA E 79 -2.20 -13.85 -29.85
CA ALA E 79 -0.87 -13.59 -30.38
C ALA E 79 -0.86 -13.38 -31.88
N ASP E 80 -1.83 -13.93 -32.58
CA ASP E 80 -1.92 -13.75 -34.04
C ASP E 80 -2.27 -12.32 -34.40
N GLY E 81 -2.76 -11.52 -33.46
CA GLY E 81 -3.01 -10.10 -33.68
C GLY E 81 -4.32 -9.81 -34.41
N ASP E 82 -5.21 -10.79 -34.46
CA ASP E 82 -6.51 -10.64 -35.15
C ASP E 82 -7.69 -11.22 -34.35
N SER E 83 -7.50 -12.39 -33.78
CA SER E 83 -8.54 -13.03 -33.01
C SER E 83 -8.81 -12.38 -31.62
N LEU E 84 -10.07 -12.07 -31.31
CA LEU E 84 -10.43 -11.34 -30.11
C LEU E 84 -11.48 -12.09 -29.33
N GLN E 85 -11.39 -12.07 -28.01
CA GLN E 85 -12.44 -12.50 -27.15
C GLN E 85 -12.97 -11.29 -26.42
N TYR E 86 -14.27 -11.10 -26.44
CA TYR E 86 -14.87 -10.05 -25.65
C TYR E 86 -15.71 -10.64 -24.49
N ILE E 87 -15.49 -10.18 -23.28
CA ILE E 87 -16.28 -10.63 -22.16
C ILE E 87 -17.05 -9.43 -21.61
N ASP E 88 -18.38 -9.52 -21.59
CA ASP E 88 -19.21 -8.36 -21.33
C ASP E 88 -19.51 -8.18 -19.83
N ARG E 89 -20.29 -7.17 -19.50
CA ARG E 89 -20.59 -6.85 -18.10
C ARG E 89 -21.15 -8.05 -17.38
N ASN E 90 -21.96 -8.82 -18.09
CA ASN E 90 -22.61 -9.99 -17.55
C ASN E 90 -21.86 -11.28 -17.87
N SER E 91 -20.56 -11.18 -18.16
CA SER E 91 -19.70 -12.38 -18.44
C SER E 91 -19.97 -13.13 -19.77
N LEU E 92 -20.86 -12.61 -20.61
CA LEU E 92 -21.05 -13.23 -21.91
C LEU E 92 -19.80 -13.05 -22.76
N GLU E 93 -19.30 -14.19 -23.23
CA GLU E 93 -18.11 -14.22 -24.05
C GLU E 93 -18.46 -14.31 -25.52
N SER E 94 -17.98 -13.38 -26.33
CA SER E 94 -18.15 -13.49 -27.78
C SER E 94 -16.80 -13.46 -28.48
N TYR E 95 -16.73 -14.05 -29.67
CA TYR E 95 -15.47 -14.24 -30.38
C TYR E 95 -15.49 -13.56 -31.72
N LEU E 96 -14.46 -12.75 -31.92
CA LEU E 96 -14.48 -11.79 -33.02
C LEU E 96 -13.11 -11.79 -33.70
N SER E 97 -13.01 -11.01 -34.74
CA SER E 97 -11.72 -10.79 -35.31
C SER E 97 -11.58 -9.29 -35.35
N VAL E 98 -10.35 -8.82 -35.44
CA VAL E 98 -10.05 -7.40 -35.51
C VAL E 98 -10.42 -6.79 -36.88
N ARG E 99 -10.39 -7.58 -37.96
CA ARG E 99 -10.72 -7.07 -39.30
C ARG E 99 -12.20 -6.71 -39.43
N SER E 100 -13.03 -7.41 -38.67
CA SER E 100 -14.48 -7.25 -38.73
C SER E 100 -15.06 -7.36 -37.33
N TYR E 101 -15.46 -6.20 -36.80
CA TYR E 101 -15.97 -6.11 -35.46
C TYR E 101 -17.17 -5.16 -35.36
N PRO E 102 -18.01 -5.39 -34.33
CA PRO E 102 -19.19 -4.52 -34.16
C PRO E 102 -18.75 -3.10 -33.79
N SER E 103 -19.40 -2.09 -34.36
CA SER E 103 -18.93 -0.69 -34.24
C SER E 103 -18.94 -0.20 -32.78
N ALA E 104 -19.90 -0.68 -32.01
CA ALA E 104 -19.96 -0.42 -30.56
C ALA E 104 -18.69 -0.83 -29.81
N LEU E 105 -17.82 -1.62 -30.44
CA LEU E 105 -16.56 -2.04 -29.83
C LEU E 105 -15.35 -1.24 -30.32
N SER E 106 -15.58 -0.37 -31.30
CA SER E 106 -14.46 0.28 -32.00
C SER E 106 -13.43 0.93 -31.11
N LYS E 107 -13.91 1.81 -30.23
CA LYS E 107 -13.09 2.47 -29.24
C LYS E 107 -12.24 1.46 -28.46
N LYS E 108 -12.91 0.42 -27.97
CA LYS E 108 -12.24 -0.55 -27.16
C LYS E 108 -11.16 -1.20 -27.99
N ILE E 109 -11.46 -1.53 -29.23
CA ILE E 109 -10.44 -2.14 -30.04
C ILE E 109 -9.27 -1.20 -30.18
N THR E 110 -9.55 0.06 -30.46
CA THR E 110 -8.51 1.03 -30.64
C THR E 110 -7.64 1.08 -29.41
N LEU E 111 -8.28 1.12 -28.23
CA LEU E 111 -7.56 1.27 -27.03
C LEU E 111 -6.70 0.04 -26.80
N LEU E 112 -7.24 -1.09 -27.19
CA LEU E 112 -6.52 -2.34 -27.00
C LEU E 112 -5.27 -2.28 -27.86
N LYS E 113 -5.41 -1.76 -29.06
CA LYS E 113 -4.27 -1.66 -29.97
C LYS E 113 -3.16 -0.78 -29.39
N TYR E 114 -3.59 0.31 -28.81
CA TYR E 114 -2.67 1.22 -28.21
C TYR E 114 -1.90 0.53 -27.02
N PHE E 115 -2.61 -0.20 -26.19
CA PHE E 115 -1.93 -0.85 -25.07
C PHE E 115 -0.92 -1.82 -25.71
N ARG E 116 -1.36 -2.57 -26.69
CA ARG E 116 -0.53 -3.62 -27.21
C ARG E 116 0.70 -2.96 -27.76
N ASN E 117 0.48 -1.92 -28.58
CA ASN E 117 1.58 -1.23 -29.20
C ASN E 117 2.52 -0.65 -28.19
N TYR E 118 1.99 -0.14 -27.10
CA TYR E 118 2.81 0.45 -26.07
C TYR E 118 3.63 -0.64 -25.45
N MET E 119 3.04 -1.83 -25.20
CA MET E 119 3.74 -2.87 -24.44
C MET E 119 4.74 -3.64 -25.28
N SER E 120 4.52 -3.77 -26.58
CA SER E 120 5.46 -4.38 -27.52
C SER E 120 6.83 -3.71 -27.50
N GLU E 121 7.87 -4.49 -27.75
CA GLU E 121 9.25 -4.00 -27.86
C GLU E 121 9.98 -4.53 -29.11
N PRO E 132 0.88 -18.40 -37.72
CA PRO E 132 -0.55 -18.62 -37.79
C PRO E 132 -0.85 -19.96 -38.45
N ARG E 133 -1.52 -20.85 -37.71
CA ARG E 133 -1.76 -22.19 -38.22
C ARG E 133 -3.10 -22.80 -37.77
N GLU E 134 -3.35 -24.01 -38.23
CA GLU E 134 -4.57 -24.74 -37.93
C GLU E 134 -4.49 -25.21 -36.48
N GLY E 135 -5.55 -24.92 -35.74
CA GLY E 135 -5.58 -25.12 -34.31
C GLY E 135 -5.81 -23.81 -33.62
N ASP E 136 -5.32 -22.71 -34.21
CA ASP E 136 -5.43 -21.43 -33.51
C ASP E 136 -6.82 -20.85 -33.61
N GLU E 137 -7.64 -21.44 -34.45
CA GLU E 137 -9.05 -21.07 -34.52
C GLU E 137 -9.82 -21.53 -33.28
N LEU E 138 -9.19 -22.33 -32.43
CA LEU E 138 -9.84 -22.84 -31.23
C LEU E 138 -9.34 -22.13 -29.98
N THR E 139 -8.34 -21.28 -30.16
CA THR E 139 -7.70 -20.60 -29.06
C THR E 139 -8.69 -19.80 -28.19
N ARG E 140 -8.67 -20.07 -26.88
CA ARG E 140 -9.58 -19.42 -25.96
C ARG E 140 -8.81 -19.18 -24.73
N LEU E 141 -8.32 -17.96 -24.58
CA LEU E 141 -7.42 -17.59 -23.50
C LEU E 141 -8.17 -17.27 -22.21
N PRO E 142 -7.51 -17.45 -21.08
CA PRO E 142 -8.08 -16.93 -19.84
C PRO E 142 -7.97 -15.42 -19.82
N TYR E 143 -8.73 -14.78 -18.94
CA TYR E 143 -8.77 -13.32 -18.90
C TYR E 143 -8.68 -12.82 -17.46
N LEU E 144 -8.28 -11.56 -17.34
CA LEU E 144 -8.10 -10.91 -16.11
C LEU E 144 -9.45 -10.66 -15.45
N ARG E 145 -9.64 -11.27 -14.30
CA ARG E 145 -10.89 -11.20 -13.62
C ARG E 145 -10.80 -10.02 -12.66
N HIS E 146 -9.74 -10.00 -11.86
CA HIS E 146 -9.59 -8.98 -10.83
C HIS E 146 -8.11 -8.65 -10.62
N TRP E 147 -7.88 -7.48 -10.02
CA TRP E 147 -6.55 -7.00 -9.71
C TRP E 147 -6.62 -5.87 -8.68
N PHE E 148 -5.53 -5.66 -7.98
CA PHE E 148 -5.36 -4.44 -7.22
C PHE E 148 -3.89 -4.16 -7.13
N ARG E 149 -3.58 -2.90 -6.89
CA ARG E 149 -2.23 -2.44 -6.81
C ARG E 149 -2.14 -1.60 -5.57
N THR E 150 -1.01 -1.78 -4.88
CA THR E 150 -0.59 -0.98 -3.74
C THR E 150 0.74 -0.35 -4.13
N LYS E 151 1.34 0.37 -3.21
CA LYS E 151 2.63 0.97 -3.48
C LYS E 151 3.78 -0.03 -3.65
N SER E 152 3.64 -1.25 -3.15
CA SER E 152 4.73 -2.22 -3.26
C SER E 152 4.45 -3.47 -4.06
N ALA E 153 3.21 -3.69 -4.47
CA ALA E 153 2.87 -4.86 -5.26
C ALA E 153 1.70 -4.65 -6.18
N ILE E 154 1.59 -5.54 -7.15
CA ILE E 154 0.34 -5.70 -7.87
C ILE E 154 -0.05 -7.15 -7.84
N VAL E 155 -1.33 -7.40 -7.65
CA VAL E 155 -1.88 -8.74 -7.63
C VAL E 155 -2.99 -8.93 -8.68
N LEU E 156 -2.82 -9.99 -9.47
CA LEU E 156 -3.62 -10.22 -10.62
C LEU E 156 -4.26 -11.61 -10.49
N HIS E 157 -5.57 -11.65 -10.70
CA HIS E 157 -6.33 -12.87 -10.69
C HIS E 157 -6.95 -13.17 -12.05
N LEU E 158 -6.48 -14.24 -12.68
CA LEU E 158 -6.98 -14.70 -13.97
C LEU E 158 -8.17 -15.65 -13.81
N SER E 159 -8.92 -15.80 -14.90
CA SER E 159 -10.17 -16.62 -14.94
C SER E 159 -9.99 -18.12 -14.80
N ASN E 160 -8.75 -18.58 -14.99
CA ASN E 160 -8.42 -19.97 -14.75
C ASN E 160 -7.93 -20.22 -13.32
N GLY E 161 -8.06 -19.23 -12.44
CA GLY E 161 -7.77 -19.40 -11.00
C GLY E 161 -6.37 -19.06 -10.57
N THR E 162 -5.49 -18.81 -11.51
CA THR E 162 -4.15 -18.34 -11.22
C THR E 162 -4.15 -16.92 -10.58
N VAL E 163 -3.38 -16.77 -9.52
CA VAL E 163 -3.17 -15.48 -8.90
C VAL E 163 -1.69 -15.22 -8.97
N GLN E 164 -1.32 -14.01 -9.40
CA GLN E 164 0.06 -13.62 -9.57
C GLN E 164 0.26 -12.38 -8.76
N ILE E 165 1.38 -12.37 -8.00
CA ILE E 165 1.78 -11.22 -7.24
C ILE E 165 3.12 -10.76 -7.72
N ASN E 166 3.22 -9.49 -8.12
CA ASN E 166 4.50 -8.91 -8.50
C ASN E 166 5.00 -8.01 -7.36
N PHE E 167 6.24 -8.28 -6.88
CA PHE E 167 6.92 -7.46 -5.90
C PHE E 167 7.84 -6.47 -6.61
N PHE E 168 7.61 -5.20 -6.32
CA PHE E 168 8.28 -4.12 -6.97
C PHE E 168 9.64 -3.84 -6.45
N GLN E 169 9.85 -3.97 -5.16
CA GLN E 169 11.15 -3.68 -4.61
C GLN E 169 12.27 -4.45 -5.30
N ASP E 170 12.11 -5.75 -5.51
CA ASP E 170 13.19 -6.63 -6.01
C ASP E 170 12.87 -7.31 -7.29
N HIS E 171 11.78 -6.91 -7.90
CA HIS E 171 11.33 -7.48 -9.15
C HIS E 171 11.16 -8.99 -9.06
N THR E 172 10.42 -9.48 -8.10
CA THR E 172 10.12 -10.90 -8.01
C THR E 172 8.62 -11.15 -8.17
N LYS E 173 8.29 -12.41 -8.44
CA LYS E 173 6.94 -12.84 -8.61
C LYS E 173 6.64 -14.11 -7.90
N LEU E 174 5.40 -14.25 -7.48
CA LEU E 174 4.86 -15.51 -7.09
C LEU E 174 3.64 -15.73 -7.90
N ILE E 175 3.55 -16.92 -8.50
CA ILE E 175 2.34 -17.35 -9.19
C ILE E 175 1.68 -18.51 -8.44
N LEU E 176 0.45 -18.36 -7.99
CA LEU E 176 -0.24 -19.43 -7.29
C LEU E 176 -1.35 -20.06 -8.14
N CYS E 177 -1.41 -21.40 -8.17
CA CYS E 177 -2.50 -22.08 -8.86
C CYS E 177 -3.14 -23.03 -7.88
N PRO E 178 -4.40 -22.83 -7.56
CA PRO E 178 -5.14 -23.69 -6.65
C PRO E 178 -5.60 -24.99 -7.34
N LEU E 179 -5.51 -25.06 -8.66
CA LEU E 179 -5.79 -26.33 -9.36
C LEU E 179 -4.62 -27.34 -9.24
N MET E 180 -3.42 -26.85 -9.41
CA MET E 180 -2.24 -27.64 -9.18
C MET E 180 -1.82 -27.60 -7.71
N GLY E 181 -2.41 -26.74 -6.88
CA GLY E 181 -1.93 -26.57 -5.51
C GLY E 181 -0.45 -26.21 -5.46
N ALA E 182 -0.03 -25.33 -6.34
CA ALA E 182 1.37 -25.02 -6.55
C ALA E 182 1.67 -23.54 -6.43
N VAL E 183 2.94 -23.25 -6.18
CA VAL E 183 3.38 -21.86 -6.06
C VAL E 183 4.65 -21.78 -6.84
N THR E 184 4.72 -20.81 -7.74
CA THR E 184 5.96 -20.62 -8.46
C THR E 184 6.61 -19.33 -8.08
N TYR E 185 7.89 -19.39 -7.76
CA TYR E 185 8.60 -18.23 -7.41
C TYR E 185 9.53 -17.87 -8.55
N ILE E 186 9.56 -16.59 -8.86
CA ILE E 186 10.36 -16.07 -9.95
C ILE E 186 11.27 -15.06 -9.37
N ASN E 187 12.58 -15.39 -9.37
CA ASN E 187 13.57 -14.62 -8.63
C ASN E 187 14.08 -13.48 -9.52
N GLU E 188 15.08 -12.76 -9.04
CA GLU E 188 15.61 -11.60 -9.79
C GLU E 188 16.21 -11.97 -11.14
N LYS E 189 16.88 -13.12 -11.16
CA LYS E 189 17.57 -13.61 -12.35
C LYS E 189 16.52 -14.11 -13.35
N ARG E 190 15.28 -14.10 -12.90
CA ARG E 190 14.08 -14.54 -13.63
C ARG E 190 14.04 -16.06 -13.84
N GLU E 191 14.49 -16.76 -12.83
CA GLU E 191 14.37 -18.21 -12.83
C GLU E 191 13.04 -18.64 -12.19
N PHE E 192 12.48 -19.73 -12.71
CA PHE E 192 11.21 -20.24 -12.27
C PHE E 192 11.41 -21.44 -11.35
N TYR E 193 11.00 -21.37 -10.06
CA TYR E 193 10.97 -22.56 -9.21
C TYR E 193 9.55 -22.83 -8.77
N THR E 194 9.08 -24.02 -9.08
CA THR E 194 7.70 -24.38 -8.80
C THR E 194 7.66 -25.42 -7.69
N TYR E 195 6.89 -25.11 -6.65
CA TYR E 195 6.76 -25.99 -5.49
C TYR E 195 5.33 -26.43 -5.33
N LYS E 196 5.13 -27.67 -4.90
CA LYS E 196 3.81 -28.14 -4.59
C LYS E 196 3.68 -27.80 -3.12
N MET E 197 2.60 -27.16 -2.74
CA MET E 197 2.47 -26.70 -1.34
C MET E 197 2.41 -27.80 -0.27
N THR E 198 1.82 -28.95 -0.61
CA THR E 198 1.77 -30.08 0.34
C THR E 198 3.16 -30.58 0.61
N LEU E 199 4.00 -30.49 -0.40
CA LEU E 199 5.40 -30.85 -0.27
C LEU E 199 6.20 -29.84 0.57
N ILE E 200 5.83 -28.56 0.51
CA ILE E 200 6.48 -27.58 1.36
C ILE E 200 6.15 -27.87 2.81
N GLU E 201 4.89 -28.21 3.04
CA GLU E 201 4.44 -28.61 4.34
C GLU E 201 5.21 -29.84 4.86
N GLU E 202 5.58 -30.74 3.93
CA GLU E 202 6.31 -31.94 4.30
C GLU E 202 7.82 -31.75 4.52
N PHE E 203 8.49 -30.99 3.67
CA PHE E 203 9.96 -30.95 3.68
C PHE E 203 10.47 -29.64 4.23
N GLY E 204 9.57 -28.68 4.36
CA GLY E 204 9.90 -27.33 4.83
C GLY E 204 10.35 -26.45 3.68
N CYS E 205 10.64 -25.19 3.99
CA CYS E 205 11.23 -24.25 3.02
C CYS E 205 11.97 -23.15 3.78
N CYS E 206 12.72 -22.34 3.08
CA CYS E 206 13.49 -21.26 3.70
C CYS E 206 12.59 -20.11 4.22
N LYS E 207 13.17 -19.23 5.04
CA LYS E 207 12.48 -18.10 5.64
C LYS E 207 11.79 -17.20 4.62
N GLU E 208 12.47 -16.98 3.49
CA GLU E 208 12.09 -16.03 2.48
C GLU E 208 10.86 -16.50 1.76
N LEU E 209 10.82 -17.78 1.42
CA LEU E 209 9.63 -18.29 0.74
C LEU E 209 8.44 -18.30 1.69
N ALA E 210 8.68 -18.68 2.93
CA ALA E 210 7.67 -18.77 3.94
C ALA E 210 7.07 -17.42 4.20
N SER E 211 7.92 -16.42 4.19
CA SER E 211 7.46 -15.08 4.34
C SER E 211 6.57 -14.64 3.16
N ARG E 212 6.95 -15.02 1.95
CA ARG E 212 6.12 -14.69 0.82
C ARG E 212 4.80 -15.45 0.72
N LEU E 213 4.73 -16.67 1.23
CA LEU E 213 3.48 -17.41 1.29
C LEU E 213 2.50 -16.70 2.23
N ARG E 214 3.02 -16.22 3.36
CA ARG E 214 2.20 -15.44 4.28
C ARG E 214 1.66 -14.22 3.57
N TYR E 215 2.51 -13.54 2.83
CA TYR E 215 2.14 -12.33 2.15
C TYR E 215 1.04 -12.64 1.15
N ALA E 216 1.20 -13.76 0.49
CA ALA E 216 0.25 -14.20 -0.48
C ALA E 216 -1.13 -14.41 0.10
N ARG E 217 -1.20 -15.05 1.24
CA ARG E 217 -2.48 -15.31 1.92
C ARG E 217 -3.12 -13.98 2.20
N ASN E 218 -2.32 -13.02 2.61
CA ASN E 218 -2.80 -11.65 2.83
C ASN E 218 -3.38 -11.01 1.54
N MET E 219 -2.62 -11.10 0.42
CA MET E 219 -3.09 -10.53 -0.85
C MET E 219 -4.40 -11.17 -1.35
N VAL E 220 -4.47 -12.50 -1.29
CA VAL E 220 -5.67 -13.25 -1.66
C VAL E 220 -6.86 -12.85 -0.78
N GLU E 221 -6.65 -12.80 0.54
CA GLU E 221 -7.67 -12.26 1.48
C GLU E 221 -8.20 -10.92 0.99
N LYS E 222 -7.29 -10.02 0.63
CA LYS E 222 -7.69 -8.71 0.13
C LYS E 222 -8.42 -8.80 -1.23
N LEU E 223 -8.03 -9.74 -2.09
CA LEU E 223 -8.76 -9.96 -3.34
C LEU E 223 -10.24 -10.30 -3.07
N MET E 224 -10.46 -11.19 -2.12
CA MET E 224 -11.78 -11.61 -1.77
C MET E 224 -12.57 -10.46 -1.16
N ALA E 225 -11.92 -9.68 -0.27
CA ALA E 225 -12.57 -8.56 0.42
C ALA E 225 -13.07 -7.46 -0.52
N CYS E 226 -12.35 -7.23 -1.61
CA CYS E 226 -12.81 -6.27 -2.63
C CYS E 226 -14.23 -6.57 -3.18
N LYS E 227 -14.67 -7.82 -3.01
CA LYS E 227 -15.94 -8.33 -3.58
C LYS E 227 -16.95 -8.73 -2.50
N LEU F 9 -7.69 -2.59 3.65
CA LEU F 9 -7.82 -2.26 2.21
C LEU F 9 -7.39 -0.83 1.82
N ASP F 10 -7.01 0.01 2.77
CA ASP F 10 -6.59 1.38 2.44
C ASP F 10 -5.24 1.37 1.74
N ASP F 11 -4.51 0.26 1.82
CA ASP F 11 -3.29 0.06 1.05
C ASP F 11 -3.59 0.16 -0.45
N LEU F 12 -4.75 -0.35 -0.87
CA LEU F 12 -5.06 -0.41 -2.30
C LEU F 12 -5.08 0.97 -2.95
N VAL F 13 -4.12 1.24 -3.80
CA VAL F 13 -4.05 2.52 -4.52
C VAL F 13 -4.99 2.50 -5.73
N ALA F 14 -5.18 1.33 -6.32
CA ALA F 14 -6.02 1.13 -7.51
C ALA F 14 -6.49 -0.32 -7.50
N GLU F 15 -7.60 -0.55 -8.18
CA GLU F 15 -8.17 -1.87 -8.28
C GLU F 15 -9.15 -2.01 -9.42
N SER F 16 -9.51 -3.25 -9.71
CA SER F 16 -10.38 -3.53 -10.81
C SER F 16 -11.77 -3.01 -10.47
N PRO F 17 -12.60 -2.77 -11.49
CA PRO F 17 -13.97 -2.36 -11.18
C PRO F 17 -14.83 -3.44 -10.53
N ARG F 18 -15.69 -3.00 -9.61
CA ARG F 18 -16.83 -3.78 -9.15
C ARG F 18 -18.03 -3.51 -10.06
N LYS F 19 -18.57 -4.59 -10.63
CA LYS F 19 -19.63 -4.47 -11.60
C LYS F 19 -20.83 -3.69 -11.05
N GLU F 20 -21.17 -3.86 -9.78
CA GLU F 20 -22.33 -3.11 -9.30
C GLU F 20 -22.08 -1.59 -9.28
N PHE F 21 -20.86 -1.14 -9.07
CA PHE F 21 -20.65 0.31 -9.05
C PHE F 21 -19.94 0.91 -10.27
N ALA F 22 -19.53 0.09 -11.23
CA ALA F 22 -18.78 0.62 -12.38
C ALA F 22 -19.73 1.41 -13.32
N ARG F 23 -19.18 2.38 -14.02
CA ARG F 23 -19.82 2.89 -15.24
C ARG F 23 -20.32 1.72 -16.11
N ILE F 24 -21.41 1.96 -16.80
CA ILE F 24 -22.06 0.92 -17.60
C ILE F 24 -21.28 0.70 -18.91
N ASN F 25 -20.59 1.74 -19.37
CA ASN F 25 -19.90 1.72 -20.66
C ASN F 25 -18.87 2.83 -20.72
N MET F 26 -18.26 2.99 -21.90
CA MET F 26 -17.13 3.90 -22.04
C MET F 26 -17.39 5.03 -23.04
N ASP F 27 -18.66 5.31 -23.33
CA ASP F 27 -19.01 6.32 -24.33
C ASP F 27 -18.52 7.71 -23.94
N GLY F 28 -18.68 8.04 -22.67
CA GLY F 28 -18.15 9.28 -22.14
C GLY F 28 -16.62 9.38 -22.04
N ILE F 29 -15.86 8.41 -22.57
CA ILE F 29 -14.37 8.48 -22.56
C ILE F 29 -13.79 8.76 -23.95
N ALA F 30 -12.84 9.68 -24.02
CA ALA F 30 -12.21 10.05 -25.27
C ALA F 30 -11.07 9.15 -25.65
N VAL F 31 -10.99 8.86 -26.93
CA VAL F 31 -9.93 8.13 -27.56
C VAL F 31 -8.94 9.14 -28.10
N PRO F 32 -7.75 9.20 -27.53
CA PRO F 32 -6.77 10.17 -27.91
C PRO F 32 -6.00 9.77 -29.16
N ASP F 33 -5.17 10.68 -29.62
CA ASP F 33 -4.09 10.35 -30.52
C ASP F 33 -3.21 9.32 -29.83
N GLU F 34 -2.64 8.38 -30.57
CA GLU F 34 -1.75 7.35 -30.01
C GLU F 34 -0.50 7.93 -29.33
N ARG F 35 0.07 8.99 -29.89
CA ARG F 35 1.15 9.75 -29.26
C ARG F 35 0.85 10.17 -27.85
N GLU F 36 -0.29 10.78 -27.63
CA GLU F 36 -0.63 11.26 -26.31
C GLU F 36 -0.87 10.09 -25.36
N PHE F 37 -1.48 9.03 -25.87
CA PHE F 37 -1.68 7.83 -25.11
C PHE F 37 -0.33 7.34 -24.59
N ASP F 38 0.62 7.19 -25.50
CA ASP F 38 1.93 6.63 -25.11
C ASP F 38 2.67 7.53 -24.15
N ILE F 39 2.65 8.82 -24.38
CA ILE F 39 3.23 9.74 -23.42
C ILE F 39 2.64 9.60 -22.02
N GLU F 40 1.33 9.64 -21.91
CA GLU F 40 0.67 9.49 -20.63
C GLU F 40 0.95 8.10 -20.03
N ALA F 41 1.05 7.08 -20.85
CA ALA F 41 1.31 5.72 -20.36
C ALA F 41 2.70 5.57 -19.70
N ASP F 42 3.66 6.32 -20.20
CA ASP F 42 4.93 6.38 -19.55
C ASP F 42 4.89 6.97 -18.16
N MET F 43 3.93 7.80 -17.85
CA MET F 43 3.83 8.36 -16.52
C MET F 43 2.85 7.56 -15.67
N ARG F 44 2.29 6.49 -16.21
CA ARG F 44 1.42 5.61 -15.46
C ARG F 44 2.22 4.47 -14.84
N PRO F 45 1.69 3.87 -13.74
CA PRO F 45 2.33 2.69 -13.21
C PRO F 45 2.31 1.56 -14.26
N HIS F 46 3.44 0.88 -14.40
CA HIS F 46 3.60 -0.16 -15.39
C HIS F 46 4.85 -0.99 -15.16
N GLU F 47 4.90 -2.15 -15.81
CA GLU F 47 6.11 -2.95 -15.89
C GLU F 47 6.27 -3.49 -17.30
N LEU F 48 7.45 -3.30 -17.87
CA LEU F 48 7.77 -4.02 -19.10
C LEU F 48 9.10 -4.75 -18.87
N GLU F 49 9.12 -6.05 -19.04
CA GLU F 49 10.31 -6.73 -18.62
C GLU F 49 11.28 -6.48 -19.73
N GLN F 50 12.00 -5.38 -19.62
CA GLN F 50 12.73 -4.83 -20.75
C GLN F 50 13.74 -5.85 -21.30
N GLU F 51 14.56 -6.47 -20.47
CA GLU F 51 15.50 -7.43 -21.01
C GLU F 51 16.14 -6.86 -22.29
N SER F 52 17.08 -5.94 -22.09
CA SER F 52 17.58 -5.05 -23.17
C SER F 52 18.65 -5.65 -24.10
N ASP F 53 19.23 -4.81 -24.96
CA ASP F 53 19.74 -5.22 -26.24
C ASP F 53 21.21 -5.67 -26.28
N THR F 54 21.41 -6.87 -26.81
CA THR F 54 22.69 -7.58 -26.82
C THR F 54 23.62 -7.15 -27.94
N PHE F 55 23.04 -6.85 -29.10
CA PHE F 55 23.80 -6.60 -30.34
C PHE F 55 24.70 -7.79 -30.71
N GLY F 56 24.16 -9.00 -30.58
CA GLY F 56 24.84 -10.21 -31.03
C GLY F 56 25.97 -10.67 -30.13
N ALA F 57 26.31 -9.83 -29.16
CA ALA F 57 27.27 -10.15 -28.13
C ALA F 57 26.54 -10.67 -26.88
#